data_8QQG
#
_entry.id   8QQG
#
_cell.length_a   206.778
_cell.length_b   206.778
_cell.length_c   149.382
_cell.angle_alpha   90.000
_cell.angle_beta   90.000
_cell.angle_gamma   90.000
#
_symmetry.space_group_name_H-M   'I 41 2 2'
#
loop_
_entity.id
_entity.type
_entity.pdbx_description
1 polymer 'Serine/threonine-protein kinase B-raf'
2 non-polymer Exarafenib
3 non-polymer 'CHLORIDE ION'
4 water water
#
_entity_poly.entity_id   1
_entity_poly.type   'polypeptide(L)'
_entity_poly.pdbx_seq_one_letter_code
;DDWEIPDGQITVGQRIGSGSFGTVYKGKWHGDVAVKMLNVTAPTPQQLQAFKNEVGVLRKTRHVNILLFMGYSTKPQLAI
VTQWCEGSSLYHHLHIIETKFEMIKLIDIARQTAQGMDYLHAKSIIHRDLKSNNIFLHEDLTVKIGDFGLATVKSRWSGS
HQFEQLSGSILWMAPEVIRMQDKNPYSFQSDVYAFGIVLYELMTGQLPYSNINNRDQIIFMVGRGYLSPDLSKVRSNCPK
AMKRLMAECLKKKRDERPLFPQILASIELLARSLP
;
_entity_poly.pdbx_strand_id   A,B,C
#
loop_
_chem_comp.id
_chem_comp.type
_chem_comp.name
_chem_comp.formula
CL non-polymer 'CHLORIDE ION' 'Cl -1'
WJ9 non-polymer Exarafenib 'C26 H34 F3 N5 O3'
#
# COMPACT_ATOMS: atom_id res chain seq x y z
N ASP A 2 11.24 -6.92 -3.58
CA ASP A 2 9.93 -7.13 -4.27
C ASP A 2 8.88 -7.49 -3.20
N TRP A 3 7.73 -6.80 -3.23
CA TRP A 3 6.56 -7.02 -2.32
C TRP A 3 5.24 -7.14 -3.10
N GLU A 4 5.28 -7.13 -4.43
CA GLU A 4 4.08 -7.28 -5.30
C GLU A 4 3.47 -8.67 -5.03
N ILE A 5 2.20 -8.73 -4.64
CA ILE A 5 1.43 -9.99 -4.42
C ILE A 5 0.75 -10.32 -5.76
N PRO A 6 1.10 -11.44 -6.43
CA PRO A 6 0.40 -11.85 -7.66
C PRO A 6 -1.11 -12.07 -7.47
N ASP A 7 -1.87 -11.87 -8.55
CA ASP A 7 -3.37 -11.91 -8.59
C ASP A 7 -3.86 -13.33 -8.25
N GLY A 8 -5.05 -13.41 -7.63
CA GLY A 8 -5.74 -14.68 -7.31
C GLY A 8 -5.38 -15.23 -5.93
N GLN A 9 -4.30 -14.73 -5.31
CA GLN A 9 -3.84 -15.17 -3.96
C GLN A 9 -4.71 -14.53 -2.89
N ILE A 10 -4.95 -13.21 -2.99
CA ILE A 10 -5.71 -12.40 -1.97
C ILE A 10 -7.20 -12.74 -2.11
N THR A 11 -7.77 -13.41 -1.10
CA THR A 11 -9.22 -13.68 -0.97
C THR A 11 -9.85 -12.54 -0.18
N VAL A 12 -10.61 -11.65 -0.85
CA VAL A 12 -11.30 -10.49 -0.22
C VAL A 12 -12.58 -10.99 0.46
N GLY A 13 -12.83 -10.52 1.69
CA GLY A 13 -13.98 -10.90 2.53
C GLY A 13 -14.88 -9.72 2.82
N GLN A 14 -15.32 -9.58 4.08
CA GLN A 14 -16.24 -8.52 4.55
C GLN A 14 -15.60 -7.13 4.37
N ARG A 15 -16.39 -6.16 3.89
CA ARG A 15 -16.03 -4.71 3.84
C ARG A 15 -16.24 -4.12 5.24
N ILE A 16 -15.26 -3.35 5.76
CA ILE A 16 -15.33 -2.73 7.12
C ILE A 16 -15.40 -1.19 7.04
N GLY A 17 -14.91 -0.57 5.95
CA GLY A 17 -15.02 0.89 5.75
C GLY A 17 -14.45 1.34 4.42
N SER A 18 -14.51 2.65 4.14
CA SER A 18 -13.96 3.30 2.93
C SER A 18 -12.70 4.11 3.27
N GLY A 19 -12.76 4.96 4.31
CA GLY A 19 -11.65 5.85 4.72
C GLY A 19 -11.48 7.01 3.74
N SER A 20 -10.34 7.68 3.79
CA SER A 20 -9.99 8.85 2.93
C SER A 20 -9.81 8.40 1.48
N PHE A 21 -9.16 7.25 1.25
CA PHE A 21 -8.84 6.68 -0.09
C PHE A 21 -9.30 5.22 -0.15
N GLY A 22 -10.00 4.85 -1.24
CA GLY A 22 -10.35 3.47 -1.58
C GLY A 22 -11.40 2.88 -0.65
N THR A 23 -11.36 1.55 -0.48
CA THR A 23 -12.28 0.72 0.34
C THR A 23 -11.46 -0.34 1.09
N VAL A 24 -11.68 -0.50 2.41
CA VAL A 24 -10.92 -1.43 3.28
C VAL A 24 -11.80 -2.65 3.60
N TYR A 25 -11.29 -3.84 3.29
CA TYR A 25 -11.92 -5.16 3.56
C TYR A 25 -11.02 -5.97 4.50
N LYS A 26 -11.62 -6.86 5.31
CA LYS A 26 -10.91 -8.04 5.89
C LYS A 26 -10.62 -9.01 4.75
N GLY A 27 -9.45 -9.66 4.78
CA GLY A 27 -8.98 -10.58 3.73
C GLY A 27 -8.43 -11.88 4.30
N LYS A 28 -7.99 -12.77 3.41
CA LYS A 28 -7.16 -13.96 3.72
C LYS A 28 -5.94 -13.95 2.78
N TRP A 29 -4.74 -13.96 3.35
CA TRP A 29 -3.45 -14.13 2.63
C TRP A 29 -2.40 -14.66 3.61
N HIS A 30 -2.23 -15.98 3.65
CA HIS A 30 -1.40 -16.72 4.65
C HIS A 30 -1.90 -16.39 6.06
N GLY A 31 -3.23 -16.44 6.25
CA GLY A 31 -3.92 -15.98 7.47
C GLY A 31 -4.69 -14.68 7.22
N ASP A 32 -5.36 -14.16 8.26
CA ASP A 32 -6.21 -12.94 8.18
C ASP A 32 -5.34 -11.73 7.84
N VAL A 33 -5.88 -10.81 7.02
CA VAL A 33 -5.19 -9.53 6.61
C VAL A 33 -6.24 -8.42 6.47
N ALA A 34 -5.78 -7.19 6.21
CA ALA A 34 -6.62 -6.04 5.79
C ALA A 34 -6.19 -5.62 4.38
N VAL A 35 -7.15 -5.27 3.53
CA VAL A 35 -6.94 -4.94 2.09
C VAL A 35 -7.58 -3.58 1.80
N LYS A 36 -6.77 -2.54 1.57
CA LYS A 36 -7.24 -1.21 1.08
C LYS A 36 -7.20 -1.25 -0.44
N MET A 37 -8.37 -1.21 -1.09
CA MET A 37 -8.55 -1.43 -2.54
C MET A 37 -9.22 -0.21 -3.18
N LEU A 38 -8.74 0.23 -4.34
CA LEU A 38 -9.43 1.19 -5.25
C LEU A 38 -10.00 0.37 -6.42
N ASN A 39 -11.28 0.58 -6.77
CA ASN A 39 -11.99 -0.12 -7.87
C ASN A 39 -12.18 0.90 -9.00
N VAL A 40 -11.70 0.58 -10.21
CA VAL A 40 -11.73 1.47 -11.42
C VAL A 40 -11.95 0.62 -12.68
N PRO A 43 -7.53 3.80 -13.61
CA PRO A 43 -7.10 4.57 -12.45
C PRO A 43 -6.45 5.90 -12.89
N THR A 44 -6.76 7.00 -12.20
CA THR A 44 -6.31 8.38 -12.54
C THR A 44 -4.84 8.51 -12.14
N PRO A 45 -4.07 9.46 -12.71
CA PRO A 45 -2.70 9.72 -12.24
C PRO A 45 -2.56 10.12 -10.77
N GLN A 46 -3.57 10.79 -10.19
CA GLN A 46 -3.56 11.24 -8.77
C GLN A 46 -3.81 10.03 -7.86
N GLN A 47 -4.69 9.10 -8.26
CA GLN A 47 -4.97 7.83 -7.53
C GLN A 47 -3.70 6.98 -7.48
N LEU A 48 -3.04 6.83 -8.63
CA LEU A 48 -1.78 6.06 -8.81
C LEU A 48 -0.67 6.69 -7.96
N GLN A 49 -0.63 8.03 -7.86
CA GLN A 49 0.42 8.77 -7.10
C GLN A 49 0.19 8.58 -5.59
N ALA A 50 -1.07 8.57 -5.14
CA ALA A 50 -1.48 8.33 -3.74
C ALA A 50 -1.00 6.93 -3.31
N PHE A 51 -1.35 5.92 -4.11
CA PHE A 51 -0.97 4.49 -3.94
C PHE A 51 0.56 4.36 -3.85
N LYS A 52 1.28 4.87 -4.84
CA LYS A 52 2.78 4.83 -4.94
C LYS A 52 3.39 5.45 -3.69
N ASN A 53 2.84 6.58 -3.20
CA ASN A 53 3.34 7.30 -2.01
C ASN A 53 3.00 6.49 -0.75
N GLU A 54 1.81 5.90 -0.67
CA GLU A 54 1.32 5.20 0.56
C GLU A 54 2.17 3.95 0.77
N VAL A 55 2.40 3.17 -0.30
CA VAL A 55 3.32 1.99 -0.33
C VAL A 55 4.75 2.46 -0.02
N GLY A 56 5.18 3.54 -0.66
CA GLY A 56 6.54 4.12 -0.54
C GLY A 56 6.91 4.49 0.89
N VAL A 57 5.92 4.87 1.71
CA VAL A 57 6.10 5.21 3.15
C VAL A 57 6.10 3.89 3.95
N LEU A 58 5.08 3.07 3.75
CA LEU A 58 4.84 1.81 4.53
C LEU A 58 6.02 0.85 4.38
N ARG A 59 6.61 0.75 3.19
CA ARG A 59 7.76 -0.15 2.89
C ARG A 59 9.01 0.25 3.69
N LYS A 60 9.08 1.48 4.22
CA LYS A 60 10.24 1.99 5.02
C LYS A 60 10.05 1.69 6.51
N THR A 61 8.93 1.09 6.92
CA THR A 61 8.58 0.86 8.36
C THR A 61 8.67 -0.63 8.72
N ARG A 62 9.66 -0.99 9.54
CA ARG A 62 9.73 -2.27 10.31
C ARG A 62 9.84 -1.92 11.79
N HIS A 63 8.68 -1.82 12.46
CA HIS A 63 8.58 -1.52 13.91
C HIS A 63 7.26 -2.09 14.45
N VAL A 64 7.28 -2.59 15.68
CA VAL A 64 6.16 -3.37 16.29
C VAL A 64 4.97 -2.44 16.57
N ASN A 65 5.23 -1.16 16.84
CA ASN A 65 4.20 -0.13 17.16
C ASN A 65 3.74 0.63 15.91
N ILE A 66 4.26 0.29 14.72
CA ILE A 66 3.69 0.75 13.40
C ILE A 66 2.95 -0.44 12.79
N LEU A 67 1.80 -0.16 12.17
CA LEU A 67 0.99 -1.17 11.44
C LEU A 67 1.87 -1.85 10.39
N LEU A 68 1.91 -3.19 10.41
CA LEU A 68 2.80 -4.02 9.55
C LEU A 68 2.23 -4.06 8.14
N PHE A 69 2.90 -3.42 7.19
CA PHE A 69 2.68 -3.58 5.73
C PHE A 69 3.24 -4.95 5.32
N MET A 70 2.52 -5.69 4.48
CA MET A 70 2.84 -7.09 4.08
C MET A 70 3.07 -7.22 2.57
N GLY A 71 2.37 -6.42 1.75
CA GLY A 71 2.59 -6.33 0.30
C GLY A 71 1.48 -5.55 -0.38
N TYR A 72 1.63 -5.31 -1.70
CA TYR A 72 0.67 -4.55 -2.54
C TYR A 72 0.32 -5.38 -3.79
N SER A 73 -0.73 -4.94 -4.51
CA SER A 73 -1.23 -5.53 -5.77
C SER A 73 -1.31 -4.44 -6.84
N THR A 74 -0.58 -4.57 -7.96
CA THR A 74 -0.66 -3.65 -9.12
C THR A 74 -1.82 -4.06 -10.00
N LYS A 75 -1.79 -5.31 -10.49
CA LYS A 75 -2.88 -5.98 -11.24
C LYS A 75 -3.55 -7.00 -10.32
N PRO A 76 -4.87 -7.29 -10.47
CA PRO A 76 -5.72 -6.69 -11.51
C PRO A 76 -6.16 -5.25 -11.18
N GLN A 77 -6.20 -4.89 -9.90
CA GLN A 77 -6.57 -3.54 -9.36
C GLN A 77 -5.52 -3.14 -8.32
N LEU A 78 -5.46 -1.84 -7.99
CA LEU A 78 -4.58 -1.28 -6.93
C LEU A 78 -5.09 -1.77 -5.56
N ALA A 79 -4.20 -2.30 -4.72
CA ALA A 79 -4.51 -2.77 -3.34
C ALA A 79 -3.25 -2.75 -2.47
N ILE A 80 -3.41 -2.45 -1.17
CA ILE A 80 -2.33 -2.53 -0.14
C ILE A 80 -2.80 -3.53 0.94
N VAL A 81 -1.96 -4.51 1.26
CA VAL A 81 -2.23 -5.60 2.26
C VAL A 81 -1.39 -5.33 3.51
N THR A 82 -2.04 -5.19 4.66
CA THR A 82 -1.43 -5.05 6.00
C THR A 82 -1.92 -6.18 6.89
N GLN A 83 -1.32 -6.34 8.06
CA GLN A 83 -1.77 -7.31 9.10
C GLN A 83 -3.23 -6.98 9.47
N TRP A 84 -3.98 -8.00 9.91
CA TRP A 84 -5.29 -7.84 10.58
C TRP A 84 -5.08 -7.80 12.09
N CYS A 85 -5.78 -6.89 12.78
CA CYS A 85 -5.72 -6.69 14.26
C CYS A 85 -7.12 -6.82 14.86
N GLU A 86 -7.29 -7.72 15.83
CA GLU A 86 -8.48 -7.80 16.70
C GLU A 86 -8.36 -6.70 17.77
N GLY A 87 -9.37 -5.84 17.88
CA GLY A 87 -9.44 -4.74 18.86
C GLY A 87 -10.22 -3.55 18.33
N SER A 88 -9.95 -2.37 18.89
CA SER A 88 -10.55 -1.08 18.50
C SER A 88 -9.49 0.03 18.51
N SER A 89 -9.77 1.16 17.87
CA SER A 89 -8.98 2.41 17.95
C SER A 89 -8.99 2.92 19.39
N LEU A 90 -7.97 3.70 19.78
CA LEU A 90 -7.92 4.37 21.10
C LEU A 90 -9.16 5.27 21.25
N TYR A 91 -9.58 5.96 20.18
CA TYR A 91 -10.76 6.85 20.15
C TYR A 91 -11.98 6.07 20.61
N HIS A 92 -12.19 4.88 20.06
CA HIS A 92 -13.33 3.98 20.36
C HIS A 92 -13.34 3.66 21.87
N HIS A 93 -12.22 3.16 22.39
CA HIS A 93 -12.04 2.79 23.83
C HIS A 93 -12.37 3.97 24.74
N LEU A 94 -11.82 5.16 24.46
CA LEU A 94 -11.83 6.31 25.39
C LEU A 94 -13.16 7.07 25.32
N HIS A 95 -13.77 7.19 24.13
CA HIS A 95 -14.84 8.19 23.84
C HIS A 95 -16.19 7.53 23.49
N ILE A 96 -16.21 6.37 22.83
CA ILE A 96 -17.46 5.66 22.44
C ILE A 96 -17.89 4.73 23.59
N ILE A 97 -17.15 3.64 23.82
CA ILE A 97 -17.48 2.62 24.87
C ILE A 97 -16.98 3.08 26.25
N GLU A 98 -16.09 4.08 26.30
CA GLU A 98 -15.61 4.76 27.53
C GLU A 98 -15.01 3.73 28.50
N THR A 99 -13.97 3.03 28.04
CA THR A 99 -13.14 2.11 28.87
C THR A 99 -12.39 2.95 29.91
N LYS A 100 -12.38 2.51 31.18
CA LYS A 100 -11.59 3.09 32.30
C LYS A 100 -10.34 2.22 32.48
N PHE A 101 -9.27 2.52 31.74
CA PHE A 101 -7.93 1.87 31.86
C PHE A 101 -7.28 2.26 33.20
N GLU A 102 -6.46 1.40 33.79
CA GLU A 102 -5.60 1.73 34.96
C GLU A 102 -4.49 2.68 34.50
N MET A 103 -3.99 3.53 35.40
CA MET A 103 -3.01 4.61 35.11
C MET A 103 -1.74 4.03 34.49
N ILE A 104 -1.29 2.87 34.96
CA ILE A 104 -0.06 2.18 34.45
C ILE A 104 -0.23 1.84 32.96
N LYS A 105 -1.44 1.44 32.54
CA LYS A 105 -1.75 1.06 31.13
C LYS A 105 -1.88 2.32 30.27
N LEU A 106 -2.46 3.40 30.80
CA LEU A 106 -2.54 4.71 30.10
C LEU A 106 -1.13 5.21 29.77
N ILE A 107 -0.21 5.12 30.73
CA ILE A 107 1.23 5.50 30.56
C ILE A 107 1.89 4.53 29.56
N ASP A 108 1.55 3.24 29.62
CA ASP A 108 2.07 2.20 28.70
C ASP A 108 1.67 2.54 27.26
N ILE A 109 0.40 2.90 27.04
CA ILE A 109 -0.15 3.31 25.70
C ILE A 109 0.61 4.55 25.21
N ALA A 110 0.80 5.54 26.09
CA ALA A 110 1.55 6.79 25.81
C ALA A 110 2.98 6.43 25.39
N ARG A 111 3.64 5.54 26.14
CA ARG A 111 5.04 5.08 25.90
C ARG A 111 5.14 4.43 24.52
N GLN A 112 4.20 3.55 24.18
CA GLN A 112 4.20 2.78 22.90
C GLN A 112 3.95 3.73 21.71
N THR A 113 3.02 4.67 21.85
CA THR A 113 2.72 5.70 20.82
C THR A 113 3.99 6.53 20.58
N ALA A 114 4.69 6.93 21.65
CA ALA A 114 5.96 7.68 21.59
C ALA A 114 7.03 6.88 20.84
N GLN A 115 7.17 5.59 21.17
CA GLN A 115 8.11 4.64 20.50
C GLN A 115 7.86 4.64 19.00
N GLY A 116 6.59 4.53 18.58
CA GLY A 116 6.18 4.51 17.18
C GLY A 116 6.52 5.81 16.47
N MET A 117 6.14 6.94 17.07
CA MET A 117 6.34 8.29 16.49
C MET A 117 7.84 8.58 16.39
N ASP A 118 8.62 8.23 17.43
CA ASP A 118 10.09 8.38 17.47
C ASP A 118 10.71 7.68 16.25
N TYR A 119 10.28 6.44 15.98
CA TYR A 119 10.76 5.61 14.85
C TYR A 119 10.47 6.31 13.51
N LEU A 120 9.24 6.77 13.30
CA LEU A 120 8.81 7.45 12.04
C LEU A 120 9.67 8.71 11.82
N HIS A 121 9.90 9.51 12.87
CA HIS A 121 10.70 10.76 12.83
C HIS A 121 12.18 10.43 12.55
N ALA A 122 12.70 9.33 13.10
CA ALA A 122 14.06 8.81 12.82
C ALA A 122 14.19 8.45 11.34
N LYS A 123 13.11 7.95 10.70
CA LYS A 123 13.05 7.60 9.26
C LYS A 123 12.71 8.84 8.40
N SER A 124 12.60 10.03 9.00
CA SER A 124 12.13 11.30 8.37
C SER A 124 10.75 11.06 7.72
N ILE A 125 9.80 10.53 8.49
CA ILE A 125 8.37 10.38 8.12
C ILE A 125 7.56 11.24 9.08
N ILE A 126 6.90 12.28 8.56
CA ILE A 126 5.89 13.10 9.30
C ILE A 126 4.53 12.44 9.04
N HIS A 127 3.80 12.05 10.11
CA HIS A 127 2.48 11.37 10.03
C HIS A 127 1.47 12.32 9.37
N ARG A 128 1.35 13.54 9.92
CA ARG A 128 0.50 14.67 9.45
C ARG A 128 -0.95 14.54 9.96
N ASP A 129 -1.35 13.39 10.49
CA ASP A 129 -2.74 13.15 10.98
C ASP A 129 -2.72 12.10 12.09
N LEU A 130 -1.84 12.27 13.08
CA LEU A 130 -1.89 11.50 14.35
C LEU A 130 -3.14 11.95 15.13
N LYS A 131 -3.81 11.01 15.78
CA LYS A 131 -5.02 11.20 16.63
C LYS A 131 -5.46 9.83 17.15
N SER A 132 -6.25 9.79 18.22
CA SER A 132 -6.71 8.55 18.89
C SER A 132 -7.40 7.62 17.87
N ASN A 133 -8.02 8.16 16.82
CA ASN A 133 -8.65 7.39 15.72
C ASN A 133 -7.59 6.52 15.01
N ASN A 134 -6.36 7.04 14.85
CA ASN A 134 -5.25 6.42 14.08
C ASN A 134 -4.28 5.67 15.01
N ILE A 135 -4.65 5.46 16.29
CA ILE A 135 -3.91 4.59 17.24
C ILE A 135 -4.80 3.37 17.53
N PHE A 136 -4.42 2.20 17.04
CA PHE A 136 -5.17 0.93 17.19
C PHE A 136 -4.59 0.13 18.36
N LEU A 137 -5.44 -0.47 19.20
CA LEU A 137 -5.02 -1.32 20.35
C LEU A 137 -5.26 -2.79 20.01
N HIS A 138 -4.20 -3.47 19.53
CA HIS A 138 -4.20 -4.89 19.08
C HIS A 138 -4.36 -5.80 20.30
N GLU A 139 -5.51 -6.47 20.40
CA GLU A 139 -5.96 -7.30 21.56
C GLU A 139 -6.12 -6.39 22.79
N ASP A 140 -6.40 -5.09 22.55
CA ASP A 140 -6.59 -4.02 23.58
C ASP A 140 -5.33 -3.88 24.45
N LEU A 141 -4.15 -4.12 23.87
CA LEU A 141 -2.83 -4.23 24.55
C LEU A 141 -1.80 -3.36 23.82
N THR A 142 -1.45 -3.75 22.58
CA THR A 142 -0.31 -3.22 21.78
C THR A 142 -0.80 -2.12 20.84
N VAL A 143 -0.17 -0.93 20.93
CA VAL A 143 -0.41 0.23 20.03
C VAL A 143 0.13 -0.10 18.63
N LYS A 144 -0.70 0.15 17.61
CA LYS A 144 -0.33 0.11 16.17
C LYS A 144 -0.74 1.46 15.54
N ILE A 145 0.24 2.29 15.16
CA ILE A 145 0.01 3.59 14.48
C ILE A 145 -0.18 3.32 12.98
N GLY A 146 -1.25 3.88 12.41
CA GLY A 146 -1.56 3.79 10.97
C GLY A 146 -2.35 5.00 10.49
N ASP A 147 -2.98 4.86 9.32
CA ASP A 147 -3.87 5.87 8.69
C ASP A 147 -5.13 5.13 8.24
N PHE A 148 -6.15 5.07 9.10
CA PHE A 148 -7.33 4.18 8.95
C PHE A 148 -8.44 4.91 8.17
N THR A 152 -14.46 10.43 12.26
CA THR A 152 -14.64 9.39 11.20
C THR A 152 -16.09 8.85 11.21
N VAL A 153 -16.59 8.41 12.37
CA VAL A 153 -17.95 7.80 12.55
C VAL A 153 -18.85 8.80 13.32
N LYS A 154 -19.16 9.93 12.67
CA LYS A 154 -19.93 11.09 13.22
C LYS A 154 -19.23 11.59 14.50
N SER A 155 -17.90 11.74 14.43
CA SER A 155 -16.99 12.07 15.57
C SER A 155 -17.20 13.52 16.00
N ARG A 156 -18.06 13.75 17.00
CA ARG A 156 -18.35 15.06 17.64
C ARG A 156 -19.06 15.98 16.64
N TRP A 157 -18.34 16.48 15.63
CA TRP A 157 -18.87 17.36 14.54
C TRP A 157 -19.37 16.49 13.39
N SER A 158 -20.64 16.07 13.45
CA SER A 158 -21.24 15.04 12.54
C SER A 158 -21.52 15.66 11.16
N GLY A 159 -22.06 16.90 11.12
CA GLY A 159 -22.40 17.63 9.87
C GLY A 159 -21.19 17.77 8.95
N SER A 160 -21.40 17.66 7.64
CA SER A 160 -20.34 17.68 6.59
C SER A 160 -19.73 19.07 6.47
N HIS A 161 -18.41 19.14 6.25
CA HIS A 161 -17.60 20.37 6.13
C HIS A 161 -17.17 20.55 4.67
N GLN A 162 -18.13 20.40 3.76
CA GLN A 162 -17.94 20.40 2.28
C GLN A 162 -17.45 21.78 1.84
N PHE A 163 -18.08 22.84 2.34
CA PHE A 163 -17.86 24.26 1.94
C PHE A 163 -16.95 25.00 2.92
N GLU A 164 -16.59 24.39 4.06
CA GLU A 164 -15.56 24.88 5.02
C GLU A 164 -14.17 24.73 4.38
N GLN A 165 -13.18 25.51 4.85
CA GLN A 165 -11.74 25.30 4.52
C GLN A 165 -11.28 23.98 5.15
N LEU A 166 -11.12 23.92 6.48
CA LEU A 166 -10.61 22.72 7.20
C LEU A 166 -11.73 21.68 7.27
N SER A 167 -11.56 20.58 6.54
CA SER A 167 -12.54 19.46 6.41
C SER A 167 -12.28 18.38 7.46
N GLY A 168 -11.01 18.11 7.78
CA GLY A 168 -10.58 16.98 8.62
C GLY A 168 -10.76 17.27 10.10
N SER A 169 -9.99 16.56 10.94
CA SER A 169 -10.06 16.62 12.43
C SER A 169 -9.12 17.72 12.95
N ILE A 170 -9.70 18.64 13.72
CA ILE A 170 -9.10 19.97 14.06
C ILE A 170 -8.59 19.97 15.51
N LEU A 171 -9.05 19.05 16.36
CA LEU A 171 -8.68 19.02 17.80
C LEU A 171 -7.19 18.71 17.95
N TRP A 172 -6.64 17.92 17.03
CA TRP A 172 -5.22 17.44 17.06
C TRP A 172 -4.29 18.37 16.27
N MET A 173 -4.83 19.31 15.48
CA MET A 173 -4.04 20.23 14.62
C MET A 173 -3.40 21.32 15.48
N ALA A 174 -2.07 21.51 15.34
CA ALA A 174 -1.27 22.56 16.02
C ALA A 174 -1.69 23.94 15.51
N PRO A 175 -1.47 25.02 16.29
CA PRO A 175 -1.89 26.37 15.88
C PRO A 175 -1.37 26.81 14.49
N GLU A 176 -0.10 26.55 14.19
CA GLU A 176 0.54 26.94 12.91
C GLU A 176 -0.08 26.15 11.75
N VAL A 177 -0.55 24.92 12.01
CA VAL A 177 -1.20 24.04 10.99
C VAL A 177 -2.61 24.59 10.70
N ILE A 178 -3.27 25.21 11.69
CA ILE A 178 -4.63 25.80 11.53
C ILE A 178 -4.53 27.09 10.73
N ARG A 179 -3.65 28.01 11.15
CA ARG A 179 -3.55 29.37 10.51
C ARG A 179 -2.99 29.22 9.08
N MET A 180 -2.14 28.22 8.81
CA MET A 180 -1.56 27.88 7.47
C MET A 180 -0.93 29.14 6.83
N GLN A 181 -0.09 29.85 7.60
CA GLN A 181 0.68 31.03 7.12
C GLN A 181 1.79 30.54 6.16
N ASP A 182 2.49 29.46 6.50
CA ASP A 182 3.44 28.75 5.60
C ASP A 182 2.64 27.90 4.59
N LYS A 183 3.23 27.61 3.43
CA LYS A 183 2.64 26.72 2.37
C LYS A 183 2.56 25.28 2.92
N ASN A 184 3.60 24.83 3.63
CA ASN A 184 3.64 23.54 4.36
C ASN A 184 3.99 23.82 5.83
N PRO A 185 3.00 23.87 6.76
CA PRO A 185 3.26 24.08 8.18
C PRO A 185 3.48 22.80 9.01
N TYR A 186 3.34 21.64 8.37
CA TYR A 186 3.58 20.29 8.96
C TYR A 186 5.07 20.08 9.19
N SER A 187 5.40 19.53 10.36
CA SER A 187 6.77 19.37 10.91
C SER A 187 6.76 18.23 11.92
N PHE A 188 7.92 17.85 12.46
CA PHE A 188 8.03 16.90 13.60
C PHE A 188 7.30 17.49 14.81
N GLN A 189 7.43 18.80 15.03
CA GLN A 189 6.82 19.51 16.18
C GLN A 189 5.29 19.56 16.02
N SER A 190 4.77 19.61 14.78
CA SER A 190 3.32 19.53 14.50
C SER A 190 2.77 18.17 14.96
N ASP A 191 3.53 17.09 14.72
CA ASP A 191 3.21 15.71 15.18
C ASP A 191 3.31 15.62 16.71
N VAL A 192 4.26 16.33 17.33
CA VAL A 192 4.43 16.34 18.82
C VAL A 192 3.18 16.97 19.46
N TYR A 193 2.70 18.09 18.93
CA TYR A 193 1.46 18.77 19.42
C TYR A 193 0.31 17.77 19.39
N ALA A 194 0.12 17.09 18.24
CA ALA A 194 -0.94 16.08 18.03
C ALA A 194 -0.83 15.00 19.12
N PHE A 195 0.39 14.51 19.38
CA PHE A 195 0.69 13.52 20.45
C PHE A 195 0.32 14.11 21.81
N GLY A 196 0.62 15.40 22.02
CA GLY A 196 0.23 16.17 23.21
C GLY A 196 -1.27 16.07 23.49
N ILE A 197 -2.10 16.14 22.45
CA ILE A 197 -3.58 16.03 22.58
C ILE A 197 -3.93 14.58 22.91
N VAL A 198 -3.25 13.60 22.31
CA VAL A 198 -3.46 12.15 22.61
C VAL A 198 -3.16 11.91 24.10
N LEU A 199 -2.08 12.49 24.64
CA LEU A 199 -1.76 12.42 26.09
C LEU A 199 -2.93 12.99 26.90
N TYR A 200 -3.48 14.13 26.47
CA TYR A 200 -4.65 14.77 27.12
C TYR A 200 -5.83 13.79 27.14
N GLU A 201 -6.14 13.15 26.01
CA GLU A 201 -7.26 12.17 25.88
C GLU A 201 -7.06 11.03 26.89
N LEU A 202 -5.85 10.48 26.98
CA LEU A 202 -5.51 9.34 27.87
C LEU A 202 -5.74 9.74 29.34
N MET A 203 -5.23 10.89 29.75
CA MET A 203 -5.18 11.31 31.18
C MET A 203 -6.53 11.90 31.65
N THR A 204 -7.32 12.48 30.74
CA THR A 204 -8.67 13.03 31.05
C THR A 204 -9.77 12.02 30.72
N GLY A 205 -9.55 11.15 29.73
CA GLY A 205 -10.61 10.27 29.18
C GLY A 205 -11.61 11.05 28.34
N GLN A 206 -11.24 12.26 27.90
CA GLN A 206 -12.13 13.24 27.22
C GLN A 206 -11.37 13.94 26.08
N LEU A 207 -12.10 14.38 25.04
CA LEU A 207 -11.58 15.29 23.99
C LEU A 207 -11.38 16.68 24.59
N PRO A 208 -10.44 17.49 24.06
CA PRO A 208 -10.24 18.84 24.57
C PRO A 208 -11.37 19.78 24.14
N TYR A 209 -11.51 20.92 24.84
CA TYR A 209 -12.45 22.04 24.52
C TYR A 209 -13.90 21.55 24.60
N SER A 210 -14.23 20.80 25.66
CA SER A 210 -15.56 20.18 25.90
C SER A 210 -16.62 21.26 26.20
N ASN A 211 -16.21 22.35 26.88
CA ASN A 211 -17.10 23.48 27.27
C ASN A 211 -17.62 24.22 26.02
N ILE A 212 -16.87 24.20 24.91
CA ILE A 212 -17.19 24.92 23.64
C ILE A 212 -17.87 23.97 22.66
N ASN A 213 -18.89 24.44 21.93
CA ASN A 213 -19.73 23.64 20.99
C ASN A 213 -19.74 24.23 19.57
N ASN A 214 -18.85 25.19 19.26
CA ASN A 214 -18.72 25.84 17.92
C ASN A 214 -17.33 25.50 17.36
N ARG A 215 -17.31 24.69 16.30
CA ARG A 215 -16.08 24.16 15.64
C ARG A 215 -15.22 25.33 15.16
N ASP A 216 -15.85 26.29 14.47
CA ASP A 216 -15.20 27.49 13.86
C ASP A 216 -14.50 28.32 14.94
N GLN A 217 -15.11 28.44 16.13
CA GLN A 217 -14.55 29.23 17.25
C GLN A 217 -13.31 28.53 17.79
N ILE A 218 -13.33 27.20 17.91
CA ILE A 218 -12.16 26.39 18.37
C ILE A 218 -11.02 26.59 17.35
N ILE A 219 -11.32 26.49 16.05
CA ILE A 219 -10.35 26.69 14.94
C ILE A 219 -9.69 28.06 15.13
N PHE A 220 -10.49 29.12 15.25
CA PHE A 220 -10.01 30.53 15.41
C PHE A 220 -9.12 30.65 16.64
N MET A 221 -9.66 30.27 17.80
CA MET A 221 -9.07 30.53 19.15
C MET A 221 -7.79 29.72 19.34
N VAL A 222 -7.75 28.46 18.90
CA VAL A 222 -6.52 27.60 18.93
C VAL A 222 -5.47 28.23 18.00
N GLY A 223 -5.92 28.73 16.85
CA GLY A 223 -5.09 29.44 15.84
C GLY A 223 -4.39 30.65 16.43
N ARG A 224 -5.15 31.54 17.09
CA ARG A 224 -4.66 32.82 17.66
C ARG A 224 -4.18 32.63 19.11
N GLY A 225 -4.13 31.38 19.60
CA GLY A 225 -3.46 31.00 20.86
C GLY A 225 -4.24 31.39 22.10
N TYR A 226 -5.56 31.59 22.00
CA TYR A 226 -6.46 31.93 23.14
C TYR A 226 -6.93 30.65 23.85
N LEU A 227 -6.81 29.48 23.19
CA LEU A 227 -7.20 28.15 23.74
C LEU A 227 -5.98 27.23 23.82
N SER A 228 -5.80 26.57 24.97
CA SER A 228 -5.05 25.30 25.12
C SER A 228 -5.77 24.43 26.15
N PRO A 229 -5.65 23.08 26.08
CA PRO A 229 -6.43 22.19 26.94
C PRO A 229 -6.24 22.42 28.45
N ASP A 230 -7.30 22.16 29.23
CA ASP A 230 -7.37 22.37 30.70
C ASP A 230 -6.77 21.16 31.42
N LEU A 231 -5.51 21.27 31.83
CA LEU A 231 -4.72 20.13 32.38
C LEU A 231 -5.15 19.77 33.80
N SER A 232 -6.00 20.57 34.45
CA SER A 232 -6.61 20.27 35.77
C SER A 232 -7.60 19.09 35.67
N LYS A 233 -8.12 18.80 34.47
CA LYS A 233 -9.12 17.72 34.21
C LYS A 233 -8.46 16.33 34.22
N VAL A 234 -7.12 16.24 34.30
CA VAL A 234 -6.39 14.93 34.41
C VAL A 234 -6.83 14.21 35.70
N ARG A 235 -6.59 12.90 35.76
CA ARG A 235 -6.83 12.06 36.96
C ARG A 235 -5.86 12.47 38.08
N SER A 236 -6.26 12.26 39.34
CA SER A 236 -5.51 12.69 40.56
C SER A 236 -4.20 11.91 40.70
N ASN A 237 -4.16 10.65 40.26
CA ASN A 237 -2.98 9.75 40.35
C ASN A 237 -2.12 9.82 39.07
N CYS A 238 -2.45 10.73 38.14
CA CYS A 238 -1.58 11.13 37.01
C CYS A 238 -0.32 11.78 37.58
N PRO A 239 0.91 11.30 37.25
CA PRO A 239 2.14 11.95 37.73
C PRO A 239 2.28 13.42 37.31
N LYS A 240 2.88 14.25 38.16
CA LYS A 240 3.18 15.68 37.87
C LYS A 240 4.15 15.77 36.68
N ALA A 241 5.06 14.80 36.55
CA ALA A 241 6.04 14.68 35.44
C ALA A 241 5.32 14.55 34.09
N MET A 242 4.18 13.84 34.06
CA MET A 242 3.35 13.66 32.84
C MET A 242 2.65 14.99 32.51
N LYS A 243 2.05 15.63 33.52
CA LYS A 243 1.36 16.95 33.39
C LYS A 243 2.34 18.00 32.84
N ARG A 244 3.60 17.97 33.29
CA ARG A 244 4.67 18.88 32.82
C ARG A 244 5.01 18.56 31.35
N LEU A 245 5.19 17.28 31.02
CA LEU A 245 5.50 16.78 29.64
C LEU A 245 4.37 17.17 28.68
N MET A 246 3.12 16.99 29.12
CA MET A 246 1.89 17.33 28.34
C MET A 246 1.93 18.80 27.91
N ALA A 247 2.24 19.70 28.85
CA ALA A 247 2.33 21.17 28.64
C ALA A 247 3.43 21.50 27.62
N GLU A 248 4.60 20.87 27.74
CA GLU A 248 5.76 21.05 26.81
C GLU A 248 5.37 20.62 25.39
N CYS A 249 4.62 19.52 25.25
CA CYS A 249 4.15 18.98 23.95
C CYS A 249 3.13 19.94 23.31
N LEU A 250 2.34 20.66 24.11
CA LEU A 250 1.20 21.49 23.64
C LEU A 250 1.58 22.98 23.65
N LYS A 251 2.87 23.32 23.69
CA LYS A 251 3.35 24.73 23.66
C LYS A 251 3.00 25.34 22.30
N LYS A 252 2.38 26.52 22.31
CA LYS A 252 1.77 27.19 21.13
C LYS A 252 2.87 27.53 20.12
N LYS A 253 4.03 28.01 20.59
CA LYS A 253 5.22 28.30 19.73
C LYS A 253 5.86 26.96 19.32
N ARG A 254 6.23 26.83 18.05
CA ARG A 254 6.67 25.57 17.40
C ARG A 254 7.98 25.08 18.03
N ASP A 255 9.02 25.93 18.04
CA ASP A 255 10.42 25.54 18.42
C ASP A 255 10.52 25.19 19.92
N GLU A 256 9.61 25.71 20.76
CA GLU A 256 9.59 25.44 22.23
C GLU A 256 9.17 23.99 22.53
N ARG A 257 8.56 23.28 21.57
CA ARG A 257 8.11 21.87 21.71
C ARG A 257 9.31 20.93 21.58
N PRO A 258 9.43 19.88 22.43
CA PRO A 258 10.53 18.92 22.32
C PRO A 258 10.34 17.94 21.16
N LEU A 259 11.36 17.11 20.90
CA LEU A 259 11.33 16.00 19.92
C LEU A 259 11.22 14.67 20.67
N PHE A 260 10.81 13.61 19.97
CA PHE A 260 10.39 12.32 20.58
C PHE A 260 11.54 11.62 21.32
N PRO A 261 12.82 11.70 20.87
CA PRO A 261 13.93 11.18 21.69
C PRO A 261 13.87 11.63 23.16
N GLN A 262 13.66 12.93 23.41
CA GLN A 262 13.53 13.51 24.78
C GLN A 262 12.19 13.09 25.39
N ILE A 263 11.10 13.12 24.61
CA ILE A 263 9.72 12.82 25.10
C ILE A 263 9.71 11.38 25.61
N LEU A 264 10.13 10.44 24.75
CA LEU A 264 10.18 8.98 25.04
C LEU A 264 11.06 8.73 26.28
N ALA A 265 12.20 9.43 26.40
CA ALA A 265 13.11 9.35 27.57
C ALA A 265 12.35 9.74 28.85
N SER A 266 11.64 10.87 28.82
CA SER A 266 10.88 11.44 29.97
C SER A 266 9.81 10.44 30.43
N ILE A 267 9.14 9.74 29.51
CA ILE A 267 8.02 8.79 29.82
C ILE A 267 8.61 7.51 30.43
N GLU A 268 9.70 6.98 29.88
CA GLU A 268 10.38 5.75 30.37
C GLU A 268 10.94 5.98 31.78
N LEU A 269 11.29 7.23 32.12
CA LEU A 269 11.80 7.63 33.46
C LEU A 269 10.65 7.56 34.49
N LEU A 270 9.53 8.24 34.23
CA LEU A 270 8.38 8.33 35.16
C LEU A 270 7.62 7.00 35.19
N ALA A 271 7.82 6.12 34.21
CA ALA A 271 7.25 4.75 34.16
C ALA A 271 7.83 3.92 35.32
N ARG A 272 9.16 3.97 35.51
CA ARG A 272 9.88 3.13 36.50
C ARG A 272 9.44 3.47 37.93
N SER A 273 9.27 4.77 38.23
CA SER A 273 8.85 5.27 39.56
C SER A 273 7.35 5.62 39.55
N LEU A 274 6.48 4.61 39.68
CA LEU A 274 5.04 4.77 40.04
C LEU A 274 4.59 3.53 40.82
N PRO A 275 3.93 3.68 41.99
CA PRO A 275 3.49 2.52 42.78
C PRO A 275 2.28 1.82 42.17
N ASP B 1 -26.21 12.65 -7.30
CA ASP B 1 -27.27 12.77 -8.37
C ASP B 1 -27.11 11.66 -9.41
N ASP B 2 -28.18 11.36 -10.15
CA ASP B 2 -28.18 10.44 -11.32
C ASP B 2 -28.41 11.27 -12.59
N TRP B 3 -27.63 11.01 -13.63
CA TRP B 3 -27.80 11.57 -14.99
C TRP B 3 -28.60 10.62 -15.89
N GLU B 4 -29.26 9.61 -15.31
CA GLU B 4 -30.04 8.60 -16.09
C GLU B 4 -31.20 9.32 -16.78
N ILE B 5 -31.28 9.18 -18.11
CA ILE B 5 -32.41 9.62 -18.96
C ILE B 5 -33.38 8.46 -19.04
N PRO B 6 -34.65 8.58 -18.59
CA PRO B 6 -35.63 7.51 -18.74
C PRO B 6 -35.89 7.21 -20.23
N ASP B 7 -36.06 5.93 -20.56
CA ASP B 7 -36.21 5.43 -21.96
C ASP B 7 -37.55 5.95 -22.54
N GLY B 8 -37.59 6.16 -23.86
CA GLY B 8 -38.78 6.64 -24.59
C GLY B 8 -38.83 8.16 -24.72
N GLN B 9 -38.01 8.89 -23.96
CA GLN B 9 -37.86 10.37 -24.04
C GLN B 9 -37.03 10.74 -25.28
N ILE B 10 -35.91 10.04 -25.50
CA ILE B 10 -34.96 10.29 -26.63
C ILE B 10 -35.60 9.80 -27.92
N THR B 11 -35.93 10.73 -28.83
CA THR B 11 -36.41 10.47 -30.20
C THR B 11 -35.20 10.41 -31.13
N VAL B 12 -34.80 9.20 -31.58
CA VAL B 12 -33.56 8.99 -32.39
C VAL B 12 -33.88 9.31 -33.84
N GLY B 13 -32.98 10.05 -34.50
CA GLY B 13 -33.08 10.49 -35.90
C GLY B 13 -31.97 9.92 -36.75
N GLN B 14 -31.32 10.74 -37.58
CA GLN B 14 -30.36 10.34 -38.63
C GLN B 14 -29.11 9.71 -38.01
N ARG B 15 -28.58 8.66 -38.65
CA ARG B 15 -27.30 7.99 -38.28
C ARG B 15 -26.13 8.81 -38.83
N ILE B 16 -25.09 9.06 -38.02
CA ILE B 16 -23.91 9.91 -38.41
C ILE B 16 -22.59 9.11 -38.36
N GLY B 17 -22.53 7.98 -37.64
CA GLY B 17 -21.37 7.08 -37.63
C GLY B 17 -21.65 5.77 -36.92
N SER B 18 -20.87 4.71 -37.22
CA SER B 18 -20.99 3.36 -36.60
C SER B 18 -19.62 2.67 -36.51
N GLY B 19 -19.49 1.76 -35.55
CA GLY B 19 -18.27 0.97 -35.31
C GLY B 19 -18.52 -0.20 -34.35
N SER B 20 -17.46 -0.90 -33.95
CA SER B 20 -17.51 -2.10 -33.07
C SER B 20 -17.93 -1.71 -31.64
N PHE B 21 -17.48 -0.55 -31.15
CA PHE B 21 -17.76 -0.02 -29.78
C PHE B 21 -18.84 1.08 -29.80
N GLY B 22 -19.83 0.99 -30.70
CA GLY B 22 -21.06 1.80 -30.67
C GLY B 22 -21.44 2.41 -32.02
N THR B 23 -22.63 3.02 -32.05
CA THR B 23 -23.25 3.69 -33.23
C THR B 23 -23.83 5.03 -32.78
N VAL B 24 -23.49 6.12 -33.49
CA VAL B 24 -23.88 7.52 -33.13
C VAL B 24 -25.01 7.98 -34.08
N TYR B 25 -26.12 8.47 -33.52
CA TYR B 25 -27.23 9.15 -34.23
C TYR B 25 -27.40 10.58 -33.70
N LYS B 26 -27.88 11.49 -34.54
CA LYS B 26 -28.53 12.75 -34.10
C LYS B 26 -29.88 12.40 -33.48
N GLY B 27 -30.29 13.12 -32.43
CA GLY B 27 -31.54 12.86 -31.69
C GLY B 27 -32.24 14.14 -31.27
N LYS B 28 -33.40 13.99 -30.61
CA LYS B 28 -34.15 15.06 -29.91
C LYS B 28 -34.29 14.65 -28.44
N TRP B 29 -33.77 15.48 -27.53
CA TRP B 29 -34.03 15.40 -26.07
C TRP B 29 -33.89 16.81 -25.49
N HIS B 30 -35.03 17.51 -25.39
CA HIS B 30 -35.13 18.93 -24.97
C HIS B 30 -34.28 19.78 -25.92
N GLY B 31 -34.41 19.53 -27.23
CA GLY B 31 -33.55 20.10 -28.29
C GLY B 31 -32.63 19.04 -28.87
N ASP B 32 -31.75 19.45 -29.78
CA ASP B 32 -30.84 18.56 -30.55
C ASP B 32 -29.84 17.92 -29.58
N VAL B 33 -29.52 16.65 -29.80
CA VAL B 33 -28.45 15.90 -29.07
C VAL B 33 -27.76 14.95 -30.06
N ALA B 34 -26.68 14.33 -29.60
CA ALA B 34 -26.04 13.14 -30.21
C ALA B 34 -26.25 11.96 -29.26
N VAL B 35 -26.53 10.78 -29.79
CA VAL B 35 -26.80 9.52 -29.02
C VAL B 35 -25.84 8.44 -29.54
N LYS B 36 -24.85 8.07 -28.74
CA LYS B 36 -24.00 6.87 -28.99
C LYS B 36 -24.70 5.67 -28.35
N MET B 37 -25.23 4.77 -29.18
CA MET B 37 -25.85 3.48 -28.74
C MET B 37 -24.77 2.42 -28.89
N LEU B 38 -24.42 1.74 -27.79
CA LEU B 38 -23.32 0.73 -27.71
C LEU B 38 -23.89 -0.67 -27.95
N ASN B 39 -25.19 -0.75 -28.26
CA ASN B 39 -25.99 -2.00 -28.38
C ASN B 39 -26.55 -2.13 -29.81
N VAL B 40 -26.65 -3.37 -30.29
CA VAL B 40 -27.65 -3.81 -31.30
C VAL B 40 -28.51 -4.90 -30.65
N THR B 41 -27.86 -5.96 -30.18
CA THR B 41 -28.41 -6.96 -29.21
C THR B 41 -27.90 -6.60 -27.81
N ALA B 42 -27.88 -7.57 -26.88
CA ALA B 42 -27.21 -7.47 -25.57
C ALA B 42 -25.73 -7.16 -25.76
N PRO B 43 -25.12 -6.28 -24.92
CA PRO B 43 -23.71 -5.94 -25.05
C PRO B 43 -22.77 -6.98 -24.42
N THR B 44 -21.50 -7.00 -24.84
CA THR B 44 -20.44 -7.89 -24.26
C THR B 44 -20.06 -7.34 -22.89
N PRO B 45 -19.45 -8.14 -21.98
CA PRO B 45 -18.91 -7.62 -20.72
C PRO B 45 -17.81 -6.54 -20.86
N GLN B 46 -17.05 -6.58 -21.96
CA GLN B 46 -15.96 -5.59 -22.26
C GLN B 46 -16.60 -4.27 -22.71
N GLN B 47 -17.68 -4.32 -23.50
CA GLN B 47 -18.45 -3.14 -23.99
C GLN B 47 -19.08 -2.41 -22.81
N LEU B 48 -19.70 -3.15 -21.88
CA LEU B 48 -20.37 -2.59 -20.67
C LEU B 48 -19.33 -1.88 -19.78
N GLN B 49 -18.12 -2.42 -19.69
CA GLN B 49 -17.01 -1.82 -18.89
C GLN B 49 -16.52 -0.54 -19.57
N ALA B 50 -16.42 -0.53 -20.91
CA ALA B 50 -16.02 0.65 -21.71
C ALA B 50 -17.02 1.79 -21.49
N PHE B 51 -18.32 1.49 -21.62
CA PHE B 51 -19.48 2.38 -21.34
C PHE B 51 -19.36 3.00 -19.94
N LYS B 52 -19.23 2.15 -18.92
CA LYS B 52 -19.13 2.55 -17.49
C LYS B 52 -17.95 3.51 -17.29
N ASN B 53 -16.81 3.24 -17.92
CA ASN B 53 -15.58 4.09 -17.87
C ASN B 53 -15.84 5.41 -18.62
N GLU B 54 -16.52 5.35 -19.77
CA GLU B 54 -16.79 6.51 -20.64
C GLU B 54 -17.67 7.53 -19.89
N VAL B 55 -18.73 7.06 -19.24
CA VAL B 55 -19.64 7.88 -18.39
C VAL B 55 -18.84 8.43 -17.20
N GLY B 56 -18.06 7.58 -16.55
CA GLY B 56 -17.23 7.93 -15.37
C GLY B 56 -16.27 9.07 -15.62
N VAL B 57 -15.76 9.20 -16.85
CA VAL B 57 -14.84 10.29 -17.31
C VAL B 57 -15.68 11.53 -17.63
N LEU B 58 -16.70 11.38 -18.48
CA LEU B 58 -17.52 12.49 -19.03
C LEU B 58 -18.24 13.23 -17.91
N ARG B 59 -18.72 12.52 -16.87
CA ARG B 59 -19.44 13.13 -15.71
C ARG B 59 -18.51 14.05 -14.90
N LYS B 60 -17.18 13.95 -15.05
CA LYS B 60 -16.19 14.81 -14.37
C LYS B 60 -15.86 16.06 -15.18
N THR B 61 -16.44 16.24 -16.38
CA THR B 61 -16.13 17.36 -17.31
C THR B 61 -17.28 18.38 -17.36
N ARG B 62 -17.01 19.61 -16.91
CA ARG B 62 -17.83 20.82 -17.14
C ARG B 62 -16.89 21.95 -17.60
N HIS B 63 -16.73 22.10 -18.92
CA HIS B 63 -15.86 23.11 -19.57
C HIS B 63 -16.33 23.35 -21.01
N VAL B 64 -16.18 24.59 -21.50
CA VAL B 64 -16.76 25.07 -22.80
C VAL B 64 -16.05 24.37 -23.97
N ASN B 65 -14.77 24.04 -23.81
CA ASN B 65 -13.91 23.45 -24.88
C ASN B 65 -13.87 21.92 -24.78
N ILE B 66 -14.61 21.30 -23.84
CA ILE B 66 -14.87 19.83 -23.79
C ILE B 66 -16.32 19.60 -24.22
N LEU B 67 -16.55 18.54 -25.00
CA LEU B 67 -17.91 18.10 -25.43
C LEU B 67 -18.77 17.90 -24.17
N LEU B 68 -19.94 18.53 -24.15
CA LEU B 68 -20.88 18.49 -23.00
C LEU B 68 -21.60 17.14 -22.98
N PHE B 69 -21.29 16.29 -21.99
CA PHE B 69 -22.10 15.09 -21.64
C PHE B 69 -23.37 15.58 -20.97
N MET B 70 -24.52 14.98 -21.32
CA MET B 70 -25.88 15.43 -20.89
C MET B 70 -26.62 14.34 -20.11
N GLY B 71 -26.35 13.06 -20.41
CA GLY B 71 -26.84 11.92 -19.64
C GLY B 71 -26.67 10.60 -20.36
N TYR B 72 -27.05 9.49 -19.70
CA TYR B 72 -27.00 8.12 -20.24
C TYR B 72 -28.38 7.46 -20.17
N SER B 73 -28.51 6.35 -20.89
CA SER B 73 -29.68 5.42 -20.84
C SER B 73 -29.24 4.03 -20.39
N THR B 74 -29.96 3.41 -19.44
CA THR B 74 -29.67 2.07 -18.88
C THR B 74 -30.17 0.98 -19.84
N LYS B 75 -29.74 -0.26 -19.59
CA LYS B 75 -30.15 -1.48 -20.34
C LYS B 75 -31.67 -1.57 -20.38
N PRO B 76 -32.30 -2.19 -21.41
CA PRO B 76 -31.62 -3.07 -22.36
C PRO B 76 -30.82 -2.32 -23.47
N GLN B 77 -31.13 -1.04 -23.69
CA GLN B 77 -30.57 -0.17 -24.77
C GLN B 77 -29.64 0.88 -24.12
N LEU B 78 -28.37 0.52 -23.95
CA LEU B 78 -27.31 1.41 -23.40
C LEU B 78 -27.04 2.55 -24.39
N ALA B 79 -27.06 3.79 -23.92
CA ALA B 79 -26.80 5.00 -24.73
C ALA B 79 -26.08 6.06 -23.88
N ILE B 80 -25.24 6.86 -24.52
CA ILE B 80 -24.65 8.10 -23.94
C ILE B 80 -25.10 9.28 -24.80
N VAL B 81 -25.69 10.29 -24.17
CA VAL B 81 -26.26 11.51 -24.80
C VAL B 81 -25.31 12.69 -24.53
N THR B 82 -24.84 13.35 -25.59
CA THR B 82 -24.03 14.59 -25.53
C THR B 82 -24.75 15.68 -26.31
N GLN B 83 -24.28 16.92 -26.20
CA GLN B 83 -24.78 18.06 -27.02
C GLN B 83 -24.61 17.73 -28.49
N TRP B 84 -25.44 18.33 -29.35
CA TRP B 84 -25.30 18.31 -30.82
C TRP B 84 -24.54 19.56 -31.25
N CYS B 85 -23.60 19.40 -32.19
CA CYS B 85 -22.77 20.50 -32.77
C CYS B 85 -22.83 20.46 -34.29
N GLU B 86 -23.24 21.57 -34.91
CA GLU B 86 -23.09 21.81 -36.37
C GLU B 86 -21.64 22.23 -36.62
N GLY B 87 -20.95 21.54 -37.54
CA GLY B 87 -19.53 21.78 -37.86
C GLY B 87 -18.85 20.51 -38.35
N SER B 88 -17.52 20.53 -38.38
CA SER B 88 -16.64 19.41 -38.80
C SER B 88 -15.42 19.33 -37.89
N SER B 89 -14.75 18.18 -37.87
CA SER B 89 -13.48 17.95 -37.15
C SER B 89 -12.38 18.86 -37.72
N LEU B 90 -11.36 19.18 -36.93
CA LEU B 90 -10.16 19.91 -37.40
C LEU B 90 -9.50 19.12 -38.54
N TYR B 91 -9.46 17.79 -38.41
CA TYR B 91 -8.89 16.87 -39.44
C TYR B 91 -9.55 17.13 -40.78
N HIS B 92 -10.88 17.19 -40.77
CA HIS B 92 -11.72 17.40 -41.98
C HIS B 92 -11.32 18.72 -42.65
N HIS B 93 -11.31 19.82 -41.88
CA HIS B 93 -10.97 21.18 -42.38
C HIS B 93 -9.57 21.19 -43.01
N LEU B 94 -8.58 20.61 -42.32
CA LEU B 94 -7.14 20.72 -42.70
C LEU B 94 -6.77 19.78 -43.87
N HIS B 95 -7.35 18.58 -43.93
CA HIS B 95 -6.82 17.43 -44.72
C HIS B 95 -7.79 16.96 -45.82
N ILE B 96 -9.10 17.00 -45.59
CA ILE B 96 -10.13 16.56 -46.57
C ILE B 96 -10.52 17.74 -47.47
N ILE B 97 -11.23 18.74 -46.94
CA ILE B 97 -11.69 19.94 -47.71
C ILE B 97 -10.55 20.98 -47.81
N GLU B 98 -9.50 20.84 -47.00
CA GLU B 98 -8.22 21.60 -47.10
C GLU B 98 -8.51 23.11 -47.02
N THR B 99 -9.19 23.54 -45.95
CA THR B 99 -9.41 24.95 -45.58
C THR B 99 -8.05 25.59 -45.29
N LYS B 100 -7.78 26.78 -45.84
CA LYS B 100 -6.61 27.63 -45.50
C LYS B 100 -7.10 28.73 -44.54
N PHE B 101 -7.05 28.43 -43.24
CA PHE B 101 -7.31 29.39 -42.13
C PHE B 101 -6.21 30.46 -42.13
N GLU B 102 -6.57 31.69 -41.75
CA GLU B 102 -5.61 32.78 -41.45
C GLU B 102 -4.88 32.44 -40.14
N MET B 103 -3.66 32.96 -39.98
CA MET B 103 -2.73 32.59 -38.88
C MET B 103 -3.36 32.88 -37.52
N ILE B 104 -4.09 33.99 -37.39
CA ILE B 104 -4.76 34.40 -36.12
C ILE B 104 -5.78 33.34 -35.70
N LYS B 105 -6.50 32.74 -36.66
CA LYS B 105 -7.54 31.72 -36.38
C LYS B 105 -6.89 30.37 -36.05
N LEU B 106 -5.79 30.02 -36.73
CA LEU B 106 -5.00 28.80 -36.44
C LEU B 106 -4.50 28.84 -34.99
N ILE B 107 -3.98 29.99 -34.56
CA ILE B 107 -3.47 30.22 -33.18
C ILE B 107 -4.66 30.17 -32.21
N ASP B 108 -5.82 30.73 -32.59
CA ASP B 108 -7.06 30.71 -31.77
C ASP B 108 -7.48 29.26 -31.51
N ILE B 109 -7.49 28.42 -32.55
CA ILE B 109 -7.84 26.97 -32.48
C ILE B 109 -6.85 26.27 -31.53
N ALA B 110 -5.56 26.53 -31.69
CA ALA B 110 -4.47 26.01 -30.82
C ALA B 110 -4.71 26.42 -29.36
N ARG B 111 -5.05 27.70 -29.13
CA ARG B 111 -5.31 28.28 -27.79
C ARG B 111 -6.48 27.55 -27.13
N GLN B 112 -7.57 27.34 -27.87
CA GLN B 112 -8.82 26.71 -27.34
C GLN B 112 -8.57 25.23 -27.01
N THR B 113 -7.84 24.52 -27.88
CA THR B 113 -7.45 23.09 -27.67
C THR B 113 -6.61 23.01 -26.39
N ALA B 114 -5.65 23.92 -26.21
CA ALA B 114 -4.78 24.02 -25.00
C ALA B 114 -5.63 24.23 -23.75
N GLN B 115 -6.60 25.15 -23.80
CA GLN B 115 -7.55 25.46 -22.70
C GLN B 115 -8.26 24.16 -22.26
N GLY B 116 -8.78 23.40 -23.24
CA GLY B 116 -9.48 22.13 -22.99
C GLY B 116 -8.57 21.10 -22.35
N MET B 117 -7.38 20.90 -22.90
CA MET B 117 -6.40 19.90 -22.42
C MET B 117 -5.93 20.27 -21.01
N ASP B 118 -5.64 21.55 -20.78
CA ASP B 118 -5.24 22.09 -19.46
C ASP B 118 -6.27 21.69 -18.40
N TYR B 119 -7.56 21.88 -18.71
CA TYR B 119 -8.71 21.56 -17.83
C TYR B 119 -8.70 20.06 -17.49
N LEU B 120 -8.60 19.19 -18.50
CA LEU B 120 -8.61 17.72 -18.35
C LEU B 120 -7.47 17.28 -17.42
N HIS B 121 -6.27 17.83 -17.64
CA HIS B 121 -5.05 17.51 -16.84
C HIS B 121 -5.21 18.00 -15.40
N ALA B 122 -5.82 19.17 -15.19
CA ALA B 122 -6.18 19.71 -13.86
C ALA B 122 -7.15 18.76 -13.13
N LYS B 123 -8.04 18.09 -13.86
CA LYS B 123 -9.02 17.11 -13.32
C LYS B 123 -8.40 15.69 -13.24
N SER B 124 -7.11 15.53 -13.53
CA SER B 124 -6.40 14.22 -13.66
C SER B 124 -7.15 13.30 -14.64
N ILE B 125 -7.39 13.81 -15.85
CA ILE B 125 -7.94 13.05 -17.00
C ILE B 125 -6.87 13.10 -18.10
N ILE B 126 -6.30 11.94 -18.45
CA ILE B 126 -5.49 11.76 -19.68
C ILE B 126 -6.47 11.37 -20.80
N HIS B 127 -6.46 12.11 -21.91
CA HIS B 127 -7.33 11.85 -23.09
C HIS B 127 -6.99 10.48 -23.69
N ARG B 128 -5.69 10.25 -23.98
CA ARG B 128 -5.08 8.98 -24.48
C ARG B 128 -5.20 8.87 -26.01
N ASP B 129 -6.00 9.71 -26.66
CA ASP B 129 -6.20 9.68 -28.14
C ASP B 129 -6.56 11.08 -28.63
N LEU B 130 -5.79 12.11 -28.22
CA LEU B 130 -5.91 13.46 -28.82
C LEU B 130 -5.37 13.40 -30.24
N LYS B 131 -6.08 14.04 -31.17
CA LYS B 131 -5.74 14.11 -32.62
C LYS B 131 -6.76 15.02 -33.29
N SER B 132 -6.42 15.56 -34.47
CA SER B 132 -7.25 16.55 -35.20
C SER B 132 -8.67 16.01 -35.45
N ASN B 133 -8.82 14.68 -35.56
CA ASN B 133 -10.13 14.00 -35.70
C ASN B 133 -11.01 14.27 -34.48
N ASN B 134 -10.41 14.33 -33.28
CA ASN B 134 -11.11 14.46 -31.97
C ASN B 134 -11.20 15.92 -31.51
N ILE B 135 -10.76 16.88 -32.33
CA ILE B 135 -11.00 18.33 -32.15
C ILE B 135 -12.13 18.74 -33.12
N PHE B 136 -13.31 19.07 -32.59
CA PHE B 136 -14.50 19.51 -33.36
C PHE B 136 -14.55 21.03 -33.37
N LEU B 137 -14.82 21.62 -34.54
CA LEU B 137 -14.98 23.09 -34.73
C LEU B 137 -16.47 23.42 -34.84
N HIS B 138 -17.07 23.80 -33.72
CA HIS B 138 -18.51 24.08 -33.52
C HIS B 138 -18.88 25.37 -34.26
N GLU B 139 -19.64 25.27 -35.35
CA GLU B 139 -19.97 26.37 -36.30
C GLU B 139 -18.70 26.86 -36.99
N ASP B 140 -17.68 25.99 -37.09
CA ASP B 140 -16.35 26.25 -37.70
C ASP B 140 -15.63 27.40 -36.96
N LEU B 141 -15.87 27.53 -35.64
CA LEU B 141 -15.31 28.59 -34.76
C LEU B 141 -14.69 27.94 -33.52
N THR B 142 -15.51 27.33 -32.67
CA THR B 142 -15.25 27.01 -31.24
C THR B 142 -14.80 25.54 -31.11
N VAL B 143 -13.66 25.31 -30.45
CA VAL B 143 -13.08 23.95 -30.25
C VAL B 143 -13.91 23.20 -29.20
N LYS B 144 -14.29 21.96 -29.52
CA LYS B 144 -14.92 20.98 -28.59
C LYS B 144 -14.13 19.66 -28.70
N ILE B 145 -13.41 19.28 -27.65
CA ILE B 145 -12.61 18.03 -27.58
C ILE B 145 -13.53 16.91 -27.08
N GLY B 146 -13.52 15.77 -27.77
CA GLY B 146 -14.19 14.52 -27.35
C GLY B 146 -13.43 13.29 -27.83
N ASP B 147 -14.08 12.14 -27.83
CA ASP B 147 -13.57 10.88 -28.45
C ASP B 147 -14.68 10.36 -29.37
N PHE B 148 -14.60 10.73 -30.64
CA PHE B 148 -15.65 10.52 -31.67
C PHE B 148 -15.46 9.15 -32.35
N GLY B 149 -14.32 8.49 -32.13
CA GLY B 149 -14.03 7.12 -32.61
C GLY B 149 -14.90 6.08 -31.92
N LEU B 150 -15.23 5.00 -32.64
CA LEU B 150 -16.18 3.93 -32.21
C LEU B 150 -15.53 2.54 -32.37
N ALA B 151 -14.20 2.44 -32.29
CA ALA B 151 -13.40 1.23 -32.66
C ALA B 151 -12.19 1.02 -31.74
N THR B 152 -12.19 1.58 -30.53
CA THR B 152 -10.99 1.81 -29.69
C THR B 152 -11.29 1.58 -28.21
N VAL B 153 -10.27 1.23 -27.43
CA VAL B 153 -10.25 1.28 -25.93
C VAL B 153 -8.81 1.57 -25.48
N LEU B 166 -2.41 -3.00 -32.62
CA LEU B 166 -3.60 -2.10 -32.56
C LEU B 166 -3.82 -1.39 -33.91
N SER B 167 -5.08 -1.07 -34.23
CA SER B 167 -5.52 -0.23 -35.39
C SER B 167 -5.46 1.26 -34.98
N GLY B 168 -6.31 2.13 -35.57
CA GLY B 168 -6.37 3.58 -35.27
C GLY B 168 -5.15 4.34 -35.79
N SER B 169 -5.03 5.62 -35.44
CA SER B 169 -3.99 6.54 -35.95
C SER B 169 -2.81 6.65 -34.97
N ILE B 170 -1.60 6.47 -35.50
CA ILE B 170 -0.31 6.34 -34.75
C ILE B 170 0.53 7.63 -34.86
N LEU B 171 0.12 8.59 -35.70
CA LEU B 171 0.89 9.84 -35.97
C LEU B 171 0.95 10.69 -34.70
N TRP B 172 -0.08 10.61 -33.86
CA TRP B 172 -0.25 11.42 -32.62
C TRP B 172 0.33 10.71 -31.40
N MET B 173 0.67 9.42 -31.51
CA MET B 173 1.29 8.63 -30.41
C MET B 173 2.76 9.03 -30.26
N ALA B 174 3.18 9.34 -29.03
CA ALA B 174 4.57 9.63 -28.64
C ALA B 174 5.42 8.37 -28.77
N PRO B 175 6.76 8.48 -28.91
CA PRO B 175 7.64 7.31 -29.04
C PRO B 175 7.47 6.24 -27.96
N GLU B 176 7.34 6.63 -26.69
CA GLU B 176 7.22 5.66 -25.55
C GLU B 176 5.88 4.92 -25.65
N VAL B 177 4.84 5.55 -26.20
CA VAL B 177 3.50 4.94 -26.39
C VAL B 177 3.59 3.90 -27.53
N ILE B 178 4.43 4.15 -28.54
CA ILE B 178 4.62 3.26 -29.72
C ILE B 178 5.40 2.00 -29.28
N ARG B 179 6.51 2.16 -28.55
CA ARG B 179 7.29 1.04 -27.95
C ARG B 179 6.40 0.20 -27.03
N MET B 180 5.55 0.85 -26.23
CA MET B 180 4.55 0.24 -25.31
C MET B 180 5.23 -0.84 -24.44
N GLN B 181 6.37 -0.49 -23.83
CA GLN B 181 7.16 -1.40 -22.95
C GLN B 181 6.43 -1.56 -21.60
N ASP B 182 5.87 -0.47 -21.06
CA ASP B 182 4.94 -0.49 -19.89
C ASP B 182 3.57 -0.99 -20.35
N LYS B 183 2.76 -1.54 -19.43
CA LYS B 183 1.31 -1.85 -19.66
C LYS B 183 0.54 -0.55 -19.91
N ASN B 184 0.86 0.51 -19.15
CA ASN B 184 0.38 1.90 -19.36
C ASN B 184 1.58 2.82 -19.62
N PRO B 185 1.88 3.19 -20.90
CA PRO B 185 2.81 4.27 -21.21
C PRO B 185 2.17 5.66 -21.37
N TYR B 186 0.84 5.73 -21.26
CA TYR B 186 0.03 6.97 -21.40
C TYR B 186 0.21 7.84 -20.16
N SER B 187 0.40 9.14 -20.38
CA SER B 187 0.76 10.16 -19.37
C SER B 187 0.27 11.53 -19.83
N PHE B 188 0.43 12.57 -19.00
CA PHE B 188 0.15 13.98 -19.40
C PHE B 188 1.09 14.36 -20.55
N GLN B 189 2.35 13.91 -20.49
CA GLN B 189 3.39 14.24 -21.49
C GLN B 189 3.08 13.53 -22.82
N SER B 190 2.45 12.34 -22.78
CA SER B 190 1.99 11.62 -23.99
C SER B 190 0.92 12.46 -24.72
N ASP B 191 0.01 13.10 -23.96
CA ASP B 191 -1.06 13.99 -24.47
C ASP B 191 -0.44 15.29 -25.02
N VAL B 192 0.65 15.78 -24.41
CA VAL B 192 1.38 16.99 -24.89
C VAL B 192 1.98 16.69 -26.27
N TYR B 193 2.62 15.53 -26.46
CA TYR B 193 3.18 15.10 -27.76
C TYR B 193 2.09 15.13 -28.82
N ALA B 194 0.93 14.53 -28.52
CA ALA B 194 -0.26 14.50 -29.42
C ALA B 194 -0.64 15.92 -29.81
N PHE B 195 -0.70 16.83 -28.84
CA PHE B 195 -0.97 18.27 -29.07
C PHE B 195 0.12 18.87 -29.96
N GLY B 196 1.38 18.48 -29.72
CA GLY B 196 2.54 18.85 -30.56
C GLY B 196 2.31 18.55 -32.03
N ILE B 197 1.72 17.39 -32.33
CA ILE B 197 1.43 16.96 -33.73
C ILE B 197 0.27 17.82 -34.25
N VAL B 198 -0.73 18.12 -33.43
CA VAL B 198 -1.88 19.00 -33.83
C VAL B 198 -1.33 20.39 -34.19
N LEU B 199 -0.39 20.92 -33.41
CA LEU B 199 0.30 22.21 -33.74
C LEU B 199 0.98 22.10 -35.10
N TYR B 200 1.65 20.99 -35.37
CA TYR B 200 2.33 20.71 -36.65
C TYR B 200 1.29 20.74 -37.78
N GLU B 201 0.16 20.06 -37.63
CA GLU B 201 -0.94 20.03 -38.65
C GLU B 201 -1.43 21.45 -38.93
N LEU B 202 -1.64 22.27 -37.90
CA LEU B 202 -2.17 23.64 -38.03
C LEU B 202 -1.18 24.51 -38.83
N MET B 203 0.11 24.42 -38.50
CA MET B 203 1.17 25.29 -39.08
C MET B 203 1.60 24.80 -40.47
N THR B 204 1.53 23.50 -40.76
CA THR B 204 1.93 22.91 -42.07
C THR B 204 0.73 22.73 -42.99
N GLY B 205 -0.47 22.48 -42.44
CA GLY B 205 -1.66 22.05 -43.20
C GLY B 205 -1.51 20.63 -43.76
N GLN B 206 -0.60 19.85 -43.18
CA GLN B 206 -0.24 18.48 -43.64
C GLN B 206 -0.13 17.55 -42.43
N LEU B 207 -0.45 16.27 -42.62
CA LEU B 207 -0.13 15.20 -41.64
C LEU B 207 1.36 14.96 -41.69
N PRO B 208 2.01 14.59 -40.56
CA PRO B 208 3.45 14.32 -40.56
C PRO B 208 3.74 12.98 -41.26
N TYR B 209 4.97 12.84 -41.76
CA TYR B 209 5.54 11.60 -42.38
C TYR B 209 4.74 11.22 -43.64
N SER B 210 4.33 12.19 -44.46
CA SER B 210 3.40 11.98 -45.60
C SER B 210 4.13 11.29 -46.76
N ASN B 211 5.42 11.59 -46.96
CA ASN B 211 6.26 10.96 -48.01
C ASN B 211 6.54 9.49 -47.66
N ILE B 212 6.56 9.13 -46.37
CA ILE B 212 6.76 7.71 -45.92
C ILE B 212 5.42 6.99 -46.11
N ASN B 213 5.42 5.94 -46.94
CA ASN B 213 4.21 5.15 -47.29
C ASN B 213 4.47 3.71 -46.89
N ASN B 214 4.89 3.53 -45.63
CA ASN B 214 5.06 2.22 -44.94
C ASN B 214 4.74 2.44 -43.44
N ARG B 215 3.61 1.90 -42.96
CA ARG B 215 3.14 2.03 -41.55
C ARG B 215 4.22 1.49 -40.61
N ASP B 216 4.74 0.31 -40.91
CA ASP B 216 5.78 -0.41 -40.11
C ASP B 216 7.03 0.44 -39.96
N GLN B 217 7.43 1.17 -41.01
CA GLN B 217 8.62 2.06 -41.03
C GLN B 217 8.39 3.23 -40.06
N ILE B 218 7.21 3.84 -40.07
CA ILE B 218 6.85 4.96 -39.16
C ILE B 218 6.89 4.42 -37.72
N ILE B 219 6.26 3.29 -37.46
CA ILE B 219 6.18 2.65 -36.11
C ILE B 219 7.61 2.47 -35.57
N PHE B 220 8.48 1.82 -36.36
CA PHE B 220 9.88 1.53 -35.96
C PHE B 220 10.64 2.84 -35.72
N MET B 221 10.67 3.73 -36.72
CA MET B 221 11.58 4.90 -36.74
C MET B 221 11.14 5.93 -35.69
N VAL B 222 9.85 6.21 -35.57
CA VAL B 222 9.28 7.20 -34.59
C VAL B 222 9.46 6.62 -33.18
N GLY B 223 9.24 5.30 -33.04
CA GLY B 223 9.37 4.55 -31.77
C GLY B 223 10.80 4.64 -31.23
N ARG B 224 11.79 4.34 -32.07
CA ARG B 224 13.24 4.31 -31.71
C ARG B 224 13.85 5.71 -31.83
N GLY B 225 13.09 6.72 -32.23
CA GLY B 225 13.48 8.14 -32.21
C GLY B 225 14.43 8.52 -33.33
N TYR B 226 14.39 7.80 -34.45
CA TYR B 226 15.16 8.09 -35.69
C TYR B 226 14.41 9.11 -36.57
N LEU B 227 13.10 9.29 -36.32
CA LEU B 227 12.17 10.09 -37.16
C LEU B 227 11.33 11.01 -36.26
N SER B 228 11.28 12.28 -36.60
CA SER B 228 10.40 13.32 -35.99
C SER B 228 9.89 14.25 -37.10
N PRO B 229 8.75 14.95 -36.91
CA PRO B 229 8.22 15.84 -37.96
C PRO B 229 9.20 16.92 -38.43
N ASP B 230 9.15 17.22 -39.74
CA ASP B 230 10.05 18.20 -40.43
C ASP B 230 9.45 19.60 -40.27
N LEU B 231 9.97 20.37 -39.31
CA LEU B 231 9.39 21.68 -38.90
C LEU B 231 9.69 22.78 -39.93
N SER B 232 10.53 22.52 -40.94
CA SER B 232 10.79 23.44 -42.08
C SER B 232 9.54 23.57 -42.98
N LYS B 233 8.63 22.60 -42.93
CA LYS B 233 7.42 22.53 -43.80
C LYS B 233 6.33 23.51 -43.32
N VAL B 234 6.50 24.16 -42.16
CA VAL B 234 5.54 25.19 -41.63
C VAL B 234 5.44 26.36 -42.61
N ARG B 235 4.36 27.14 -42.52
CA ARG B 235 4.18 28.43 -43.25
C ARG B 235 5.22 29.44 -42.78
N SER B 236 5.63 30.35 -43.66
CA SER B 236 6.72 31.35 -43.42
C SER B 236 6.28 32.39 -42.38
N ASN B 237 4.98 32.70 -42.30
CA ASN B 237 4.41 33.70 -41.35
C ASN B 237 3.93 33.01 -40.06
N CYS B 238 4.26 31.73 -39.85
CA CYS B 238 4.21 31.04 -38.53
C CYS B 238 5.17 31.75 -37.57
N PRO B 239 4.74 32.21 -36.37
CA PRO B 239 5.66 32.79 -35.39
C PRO B 239 6.79 31.83 -34.96
N LYS B 240 7.99 32.35 -34.73
CA LYS B 240 9.17 31.56 -34.27
C LYS B 240 8.87 30.97 -32.88
N ALA B 241 8.12 31.70 -32.05
CA ALA B 241 7.69 31.29 -30.70
C ALA B 241 6.85 30.02 -30.77
N MET B 242 6.00 29.88 -31.80
CA MET B 242 5.15 28.69 -32.04
C MET B 242 6.04 27.51 -32.46
N LYS B 243 6.96 27.73 -33.42
CA LYS B 243 7.90 26.70 -33.92
C LYS B 243 8.78 26.18 -32.76
N ARG B 244 9.18 27.06 -31.84
CA ARG B 244 9.96 26.68 -30.61
C ARG B 244 9.08 25.80 -29.70
N LEU B 245 7.86 26.23 -29.44
CA LEU B 245 6.86 25.51 -28.57
C LEU B 245 6.55 24.14 -29.17
N MET B 246 6.36 24.08 -30.50
CA MET B 246 6.08 22.84 -31.28
C MET B 246 7.18 21.81 -31.02
N ALA B 247 8.45 22.22 -31.13
CA ALA B 247 9.66 21.38 -30.95
C ALA B 247 9.73 20.85 -29.51
N GLU B 248 9.44 21.70 -28.52
CA GLU B 248 9.42 21.37 -27.07
C GLU B 248 8.37 20.28 -26.82
N CYS B 249 7.19 20.40 -27.44
CA CYS B 249 6.06 19.44 -27.30
C CYS B 249 6.40 18.11 -27.97
N LEU B 250 7.24 18.10 -29.01
CA LEU B 250 7.58 16.89 -29.81
C LEU B 250 8.94 16.31 -29.41
N LYS B 251 9.49 16.69 -28.25
CA LYS B 251 10.77 16.14 -27.74
C LYS B 251 10.61 14.65 -27.43
N LYS B 252 11.56 13.83 -27.88
CA LYS B 252 11.48 12.34 -27.87
C LYS B 252 11.41 11.83 -26.43
N LYS B 253 12.21 12.43 -25.53
CA LYS B 253 12.22 12.08 -24.07
C LYS B 253 10.95 12.69 -23.45
N ARG B 254 10.27 11.91 -22.59
N ARG B 254 10.27 11.91 -22.60
CA ARG B 254 8.97 12.25 -21.95
CA ARG B 254 8.97 12.25 -21.95
C ARG B 254 9.11 13.48 -21.06
C ARG B 254 9.12 13.50 -21.06
N ASP B 255 10.09 13.47 -20.14
CA ASP B 255 10.26 14.50 -19.08
C ASP B 255 10.70 15.85 -19.67
N GLU B 256 11.33 15.86 -20.85
CA GLU B 256 11.81 17.10 -21.53
C GLU B 256 10.63 17.91 -22.09
N ARG B 257 9.44 17.32 -22.22
CA ARG B 257 8.21 17.98 -22.75
C ARG B 257 7.61 18.87 -21.67
N PRO B 258 7.11 20.08 -22.00
CA PRO B 258 6.40 20.93 -21.05
C PRO B 258 4.98 20.44 -20.75
N LEU B 259 4.30 21.09 -19.80
CA LEU B 259 2.90 20.78 -19.38
C LEU B 259 2.00 21.94 -19.82
N PHE B 260 0.69 21.70 -19.87
CA PHE B 260 -0.29 22.59 -20.54
C PHE B 260 -0.38 23.96 -19.88
N PRO B 261 -0.29 24.11 -18.53
CA PRO B 261 -0.21 25.44 -17.91
C PRO B 261 0.81 26.36 -18.60
N GLN B 262 2.02 25.88 -18.85
CA GLN B 262 3.11 26.62 -19.55
C GLN B 262 2.79 26.74 -21.05
N ILE B 263 2.26 25.69 -21.67
CA ILE B 263 1.91 25.67 -23.13
C ILE B 263 0.87 26.75 -23.38
N LEU B 264 -0.24 26.71 -22.63
CA LEU B 264 -1.37 27.69 -22.69
C LEU B 264 -0.82 29.12 -22.51
N ALA B 265 0.10 29.32 -21.56
CA ALA B 265 0.76 30.62 -21.28
C ALA B 265 1.50 31.11 -22.53
N SER B 266 2.31 30.23 -23.14
CA SER B 266 3.13 30.53 -24.35
C SER B 266 2.23 30.98 -25.51
N ILE B 267 1.06 30.36 -25.66
CA ILE B 267 0.13 30.61 -26.80
C ILE B 267 -0.59 31.95 -26.58
N GLU B 268 -1.05 32.23 -25.35
CA GLU B 268 -1.75 33.49 -25.01
C GLU B 268 -0.80 34.69 -25.14
N LEU B 269 0.52 34.47 -24.97
CA LEU B 269 1.57 35.52 -25.13
C LEU B 269 1.72 35.89 -26.61
N LEU B 270 1.94 34.90 -27.48
CA LEU B 270 2.15 35.14 -28.94
C LEU B 270 0.81 35.50 -29.62
N ALA B 271 -0.33 35.27 -28.96
CA ALA B 271 -1.68 35.71 -29.39
C ALA B 271 -1.76 37.25 -29.40
N ARG B 272 -1.23 37.88 -28.35
CA ARG B 272 -1.13 39.37 -28.19
C ARG B 272 -0.36 39.99 -29.35
N SER B 273 0.73 39.35 -29.81
CA SER B 273 1.63 39.81 -30.90
C SER B 273 1.01 39.54 -32.29
N LEU B 274 0.25 40.50 -32.81
CA LEU B 274 -0.50 40.40 -34.10
C LEU B 274 -0.44 41.74 -34.85
N ASP C 1 15.16 -0.42 -1.00
CA ASP C 1 15.18 -0.42 0.50
C ASP C 1 16.63 -0.42 1.01
N ASP C 2 16.82 0.04 2.26
CA ASP C 2 18.11 -0.09 3.01
C ASP C 2 17.82 0.06 4.50
N TRP C 3 18.33 -0.86 5.32
CA TRP C 3 17.95 -1.07 6.75
C TRP C 3 19.15 -0.94 7.68
N GLU C 4 20.27 -0.38 7.20
CA GLU C 4 21.50 -0.14 8.02
C GLU C 4 21.15 0.86 9.13
N ILE C 5 21.37 0.48 10.38
CA ILE C 5 21.24 1.37 11.59
C ILE C 5 22.61 2.05 11.79
N PRO C 6 22.72 3.39 11.66
CA PRO C 6 23.98 4.08 11.91
C PRO C 6 24.50 3.91 13.35
N ASP C 7 25.83 3.99 13.52
CA ASP C 7 26.58 3.66 14.77
C ASP C 7 26.19 4.64 15.88
N GLY C 8 26.19 4.18 17.13
CA GLY C 8 25.97 5.01 18.34
C GLY C 8 24.51 5.08 18.75
N GLN C 9 23.57 4.65 17.89
CA GLN C 9 22.11 4.69 18.18
C GLN C 9 21.73 3.52 19.08
N ILE C 10 22.17 2.31 18.76
CA ILE C 10 21.77 1.04 19.43
C ILE C 10 22.47 0.97 20.80
N THR C 11 21.69 1.06 21.89
CA THR C 11 22.18 0.91 23.28
C THR C 11 22.01 -0.56 23.69
N VAL C 12 23.11 -1.29 23.80
CA VAL C 12 23.13 -2.73 24.20
C VAL C 12 23.01 -2.83 25.73
N GLY C 13 22.19 -3.77 26.22
CA GLY C 13 21.94 -4.02 27.66
C GLY C 13 22.36 -5.42 28.05
N GLN C 14 21.52 -6.13 28.82
CA GLN C 14 21.84 -7.47 29.41
C GLN C 14 22.04 -8.51 28.30
N ARG C 15 23.04 -9.38 28.45
CA ARG C 15 23.30 -10.56 27.60
C ARG C 15 22.35 -11.68 28.02
N ILE C 16 21.65 -12.30 27.06
CA ILE C 16 20.61 -13.36 27.31
C ILE C 16 21.06 -14.72 26.76
N GLY C 17 21.93 -14.76 25.75
CA GLY C 17 22.55 -16.00 25.24
C GLY C 17 23.81 -15.70 24.45
N SER C 18 24.72 -16.68 24.38
CA SER C 18 25.94 -16.64 23.53
C SER C 18 26.27 -18.05 22.99
N GLY C 19 26.95 -18.09 21.84
CA GLY C 19 27.38 -19.33 21.18
C GLY C 19 28.50 -19.07 20.19
N SER C 20 28.84 -20.06 19.38
CA SER C 20 29.94 -20.01 18.37
C SER C 20 29.58 -19.05 17.23
N PHE C 21 28.31 -19.02 16.80
CA PHE C 21 27.80 -18.16 15.69
C PHE C 21 26.92 -17.04 16.26
N GLY C 22 27.43 -16.33 17.26
CA GLY C 22 26.89 -15.01 17.70
C GLY C 22 26.59 -14.94 19.19
N THR C 23 26.27 -13.73 19.67
CA THR C 23 25.89 -13.40 21.07
C THR C 23 24.66 -12.48 21.04
N VAL C 24 23.61 -12.80 21.81
CA VAL C 24 22.31 -12.07 21.81
C VAL C 24 22.19 -11.29 23.11
N TYR C 25 21.94 -9.98 23.00
CA TYR C 25 21.63 -9.05 24.13
C TYR C 25 20.22 -8.48 23.94
N LYS C 26 19.55 -8.18 25.05
CA LYS C 26 18.41 -7.21 25.07
C LYS C 26 18.99 -5.81 24.85
N GLY C 27 18.27 -4.96 24.11
CA GLY C 27 18.76 -3.62 23.69
C GLY C 27 17.68 -2.56 23.78
N LYS C 28 18.05 -1.32 23.42
CA LYS C 28 17.17 -0.14 23.30
C LYS C 28 17.41 0.49 21.93
N TRP C 29 16.37 0.58 21.10
CA TRP C 29 16.38 1.29 19.80
C TRP C 29 14.92 1.60 19.40
N HIS C 30 14.45 2.80 19.75
CA HIS C 30 13.05 3.26 19.57
C HIS C 30 12.11 2.29 20.33
N GLY C 31 12.47 1.96 21.57
CA GLY C 31 11.84 0.92 22.39
C GLY C 31 12.76 -0.28 22.55
N ASP C 32 12.29 -1.34 23.23
CA ASP C 32 13.03 -2.61 23.44
C ASP C 32 13.30 -3.28 22.08
N VAL C 33 14.47 -3.91 21.94
CA VAL C 33 14.85 -4.77 20.78
C VAL C 33 15.70 -5.94 21.29
N ALA C 34 16.00 -6.88 20.39
CA ALA C 34 17.03 -7.94 20.57
C ALA C 34 18.17 -7.68 19.58
N VAL C 35 19.43 -7.90 20.00
CA VAL C 35 20.66 -7.59 19.22
C VAL C 35 21.53 -8.85 19.18
N LYS C 36 21.64 -9.50 18.02
CA LYS C 36 22.62 -10.58 17.77
C LYS C 36 23.92 -9.94 17.25
N MET C 37 24.97 -9.96 18.07
CA MET C 37 26.32 -9.46 17.71
C MET C 37 27.31 -10.62 17.51
N LEU C 38 28.47 -10.29 16.91
CA LEU C 38 29.67 -11.16 16.83
C LEU C 38 30.31 -11.34 18.22
N ASN C 39 31.07 -12.42 18.42
CA ASN C 39 31.78 -12.77 19.69
C ASN C 39 32.87 -11.73 19.97
N ALA C 42 39.09 -10.97 15.54
CA ALA C 42 38.05 -10.80 14.49
C ALA C 42 37.59 -12.17 14.00
N PRO C 43 36.28 -12.39 13.75
CA PRO C 43 35.76 -13.66 13.23
C PRO C 43 35.95 -13.85 11.72
N THR C 44 35.81 -15.09 11.26
CA THR C 44 36.17 -15.54 9.88
C THR C 44 35.11 -15.04 8.90
N PRO C 45 35.42 -14.98 7.57
CA PRO C 45 34.42 -14.68 6.54
C PRO C 45 33.17 -15.59 6.50
N GLN C 46 33.28 -16.86 6.95
CA GLN C 46 32.14 -17.82 6.96
C GLN C 46 31.11 -17.43 8.02
N GLN C 47 31.54 -16.92 9.19
CA GLN C 47 30.65 -16.27 10.19
C GLN C 47 30.03 -15.00 9.59
N LEU C 48 30.86 -14.17 8.93
CA LEU C 48 30.40 -12.94 8.22
C LEU C 48 29.39 -13.30 7.11
N GLN C 49 29.58 -14.43 6.43
CA GLN C 49 28.67 -14.93 5.36
C GLN C 49 27.33 -15.37 5.97
N ALA C 50 27.35 -16.02 7.14
CA ALA C 50 26.16 -16.47 7.90
C ALA C 50 25.30 -15.26 8.26
N PHE C 51 25.91 -14.23 8.86
CA PHE C 51 25.25 -12.94 9.23
C PHE C 51 24.64 -12.28 7.99
N LYS C 52 25.42 -12.12 6.92
CA LYS C 52 24.98 -11.51 5.63
C LYS C 52 23.75 -12.25 5.09
N ASN C 53 23.76 -13.59 5.14
CA ASN C 53 22.66 -14.47 4.64
C ASN C 53 21.46 -14.40 5.58
N GLU C 54 21.69 -14.27 6.89
CA GLU C 54 20.65 -14.14 7.95
C GLU C 54 19.82 -12.88 7.69
N VAL C 55 20.48 -11.75 7.41
CA VAL C 55 19.81 -10.46 7.03
C VAL C 55 19.07 -10.66 5.70
N GLY C 56 19.72 -11.29 4.71
CA GLY C 56 19.19 -11.51 3.35
C GLY C 56 17.89 -12.29 3.34
N VAL C 57 17.69 -13.19 4.31
CA VAL C 57 16.45 -14.01 4.48
C VAL C 57 15.41 -13.16 5.21
N LEU C 58 15.78 -12.60 6.36
CA LEU C 58 14.86 -11.87 7.28
C LEU C 58 14.24 -10.66 6.58
N ARG C 59 15.01 -9.95 5.75
CA ARG C 59 14.54 -8.74 4.99
C ARG C 59 13.41 -9.09 4.01
N LYS C 60 13.24 -10.37 3.63
CA LYS C 60 12.19 -10.84 2.69
C LYS C 60 10.88 -11.20 3.43
N THR C 61 10.84 -11.10 4.76
CA THR C 61 9.68 -11.53 5.61
C THR C 61 9.02 -10.32 6.29
N ARG C 62 7.76 -10.05 5.91
CA ARG C 62 6.80 -9.21 6.67
C ARG C 62 5.54 -10.04 6.91
N HIS C 63 5.48 -10.70 8.06
CA HIS C 63 4.32 -11.53 8.50
C HIS C 63 4.27 -11.56 10.03
N VAL C 64 3.06 -11.56 10.58
CA VAL C 64 2.77 -11.38 12.03
C VAL C 64 3.28 -12.58 12.82
N ASN C 65 3.29 -13.79 12.22
CA ASN C 65 3.73 -15.05 12.89
C ASN C 65 5.21 -15.35 12.62
N ILE C 66 5.91 -14.48 11.91
CA ILE C 66 7.40 -14.53 11.73
C ILE C 66 8.02 -13.39 12.55
N LEU C 67 9.17 -13.65 13.17
CA LEU C 67 9.95 -12.66 13.95
C LEU C 67 10.20 -11.43 13.08
N LEU C 68 9.87 -10.23 13.59
CA LEU C 68 10.07 -8.95 12.87
C LEU C 68 11.56 -8.57 12.93
N PHE C 69 12.24 -8.64 11.79
CA PHE C 69 13.58 -8.02 11.57
C PHE C 69 13.36 -6.51 11.45
N MET C 70 14.23 -5.71 12.07
CA MET C 70 14.11 -4.23 12.16
C MET C 70 15.31 -3.52 11.52
N GLY C 71 16.51 -4.11 11.57
CA GLY C 71 17.70 -3.62 10.85
C GLY C 71 18.99 -4.29 11.30
N TYR C 72 20.13 -3.84 10.75
CA TYR C 72 21.50 -4.39 10.97
C TYR C 72 22.50 -3.25 11.17
N SER C 73 23.74 -3.58 11.59
CA SER C 73 24.91 -2.67 11.67
C SER C 73 26.09 -3.32 10.94
N THR C 74 26.63 -2.63 9.92
CA THR C 74 27.72 -3.13 9.02
C THR C 74 29.09 -2.98 9.69
N LYS C 75 29.37 -1.76 10.17
CA LYS C 75 30.67 -1.33 10.74
C LYS C 75 31.07 -2.28 11.87
N PRO C 76 32.38 -2.42 12.21
CA PRO C 76 32.80 -3.23 13.36
C PRO C 76 31.92 -3.03 14.61
N GLN C 77 31.70 -4.13 15.34
CA GLN C 77 30.51 -4.41 16.18
C GLN C 77 29.33 -4.73 15.22
N LEU C 78 29.49 -5.77 14.38
CA LEU C 78 28.47 -6.24 13.40
C LEU C 78 27.28 -6.82 14.19
N ALA C 79 26.05 -6.39 13.87
CA ALA C 79 24.83 -6.70 14.63
C ALA C 79 23.61 -6.86 13.72
N ILE C 80 22.64 -7.69 14.13
CA ILE C 80 21.29 -7.86 13.52
C ILE C 80 20.25 -7.60 14.61
N VAL C 81 19.30 -6.71 14.36
CA VAL C 81 18.31 -6.20 15.35
C VAL C 81 16.91 -6.70 14.95
N THR C 82 16.23 -7.39 15.87
CA THR C 82 14.81 -7.82 15.74
C THR C 82 13.99 -7.22 16.88
N GLN C 83 12.67 -7.35 16.82
CA GLN C 83 11.75 -6.95 17.92
C GLN C 83 12.16 -7.71 19.19
N TRP C 84 11.87 -7.14 20.36
CA TRP C 84 11.87 -7.83 21.67
C TRP C 84 10.47 -8.40 21.95
N CYS C 85 10.40 -9.65 22.44
CA CYS C 85 9.13 -10.33 22.82
C CYS C 85 9.19 -10.77 24.29
N GLU C 86 8.19 -10.35 25.07
CA GLU C 86 7.95 -10.84 26.45
C GLU C 86 7.25 -12.20 26.35
N GLY C 87 7.82 -13.24 26.98
CA GLY C 87 7.26 -14.61 27.01
C GLY C 87 8.35 -15.66 27.06
N SER C 88 8.06 -16.86 26.54
CA SER C 88 9.00 -18.01 26.47
C SER C 88 8.82 -18.76 25.14
N SER C 89 9.81 -19.57 24.76
CA SER C 89 9.74 -20.53 23.62
C SER C 89 8.67 -21.58 23.91
N LEU C 90 8.09 -22.20 22.88
CA LEU C 90 7.12 -23.32 23.03
C LEU C 90 7.80 -24.45 23.80
N TYR C 91 9.08 -24.72 23.52
CA TYR C 91 9.89 -25.78 24.19
C TYR C 91 9.86 -25.55 25.69
N HIS C 92 10.11 -24.31 26.11
CA HIS C 92 10.15 -23.89 27.54
C HIS C 92 8.81 -24.21 28.20
N HIS C 93 7.71 -23.73 27.61
CA HIS C 93 6.32 -23.91 28.11
C HIS C 93 6.02 -25.40 28.28
N LEU C 94 6.29 -26.23 27.27
CA LEU C 94 5.83 -27.65 27.23
C LEU C 94 6.71 -28.57 28.09
N HIS C 95 8.02 -28.33 28.12
CA HIS C 95 9.04 -29.34 28.55
C HIS C 95 9.79 -28.93 29.82
N ILE C 96 10.05 -27.63 30.03
CA ILE C 96 10.77 -27.12 31.24
C ILE C 96 9.74 -26.83 32.35
N ILE C 97 8.92 -25.79 32.19
CA ILE C 97 7.92 -25.35 33.22
C ILE C 97 6.64 -26.19 33.09
N GLU C 98 6.44 -26.89 31.97
CA GLU C 98 5.34 -27.86 31.73
C GLU C 98 3.99 -27.19 31.95
N THR C 99 3.73 -26.10 31.21
CA THR C 99 2.41 -25.42 31.11
C THR C 99 1.43 -26.40 30.46
N LYS C 100 0.24 -26.56 31.06
CA LYS C 100 -0.86 -27.42 30.57
C LYS C 100 -1.88 -26.51 29.88
N PHE C 101 -1.68 -26.22 28.59
CA PHE C 101 -2.58 -25.38 27.75
C PHE C 101 -3.91 -26.11 27.51
N GLU C 102 -5.01 -25.36 27.38
CA GLU C 102 -6.32 -25.88 26.92
C GLU C 102 -6.20 -26.28 25.44
N MET C 103 -6.98 -27.28 25.01
CA MET C 103 -6.88 -27.90 23.67
C MET C 103 -7.11 -26.86 22.56
N ILE C 104 -8.02 -25.90 22.80
CA ILE C 104 -8.37 -24.80 21.85
C ILE C 104 -7.10 -23.97 21.57
N LYS C 105 -6.29 -23.70 22.60
CA LYS C 105 -5.06 -22.87 22.50
C LYS C 105 -3.93 -23.67 21.84
N LEU C 106 -3.82 -24.98 22.13
CA LEU C 106 -2.83 -25.88 21.49
C LEU C 106 -3.06 -25.90 19.98
N ILE C 107 -4.32 -26.01 19.55
CA ILE C 107 -4.72 -26.01 18.12
C ILE C 107 -4.46 -24.61 17.53
N ASP C 108 -4.73 -23.56 18.30
CA ASP C 108 -4.47 -22.14 17.90
C ASP C 108 -2.98 -21.97 17.60
N ILE C 109 -2.10 -22.45 18.50
CA ILE C 109 -0.61 -22.40 18.34
C ILE C 109 -0.21 -23.15 17.06
N ALA C 110 -0.76 -24.34 16.84
CA ALA C 110 -0.52 -25.16 15.64
C ALA C 110 -0.94 -24.39 14.38
N ARG C 111 -2.12 -23.76 14.41
CA ARG C 111 -2.69 -22.96 13.28
C ARG C 111 -1.76 -21.79 12.95
N GLN C 112 -1.28 -21.07 13.98
CA GLN C 112 -0.41 -19.87 13.83
C GLN C 112 0.96 -20.27 13.25
N THR C 113 1.53 -21.37 13.75
CA THR C 113 2.82 -21.95 13.24
C THR C 113 2.65 -22.28 11.76
N ALA C 114 1.53 -22.91 11.38
CA ALA C 114 1.20 -23.30 9.99
C ALA C 114 1.13 -22.05 9.09
N GLN C 115 0.45 -20.99 9.55
CA GLN C 115 0.32 -19.71 8.82
C GLN C 115 1.72 -19.14 8.54
N GLY C 116 2.59 -19.13 9.54
CA GLY C 116 3.98 -18.64 9.44
C GLY C 116 4.79 -19.45 8.43
N MET C 117 4.75 -20.77 8.54
CA MET C 117 5.50 -21.70 7.66
C MET C 117 4.99 -21.58 6.22
N ASP C 118 3.66 -21.52 6.04
CA ASP C 118 3.00 -21.31 4.72
C ASP C 118 3.60 -20.07 4.04
N TYR C 119 3.71 -18.97 4.78
CA TYR C 119 4.24 -17.66 4.29
C TYR C 119 5.69 -17.84 3.82
N LEU C 120 6.55 -18.46 4.64
CA LEU C 120 7.99 -18.69 4.31
C LEU C 120 8.11 -19.50 3.02
N HIS C 121 7.31 -20.56 2.89
CA HIS C 121 7.30 -21.48 1.72
C HIS C 121 6.79 -20.75 0.46
N ALA C 122 5.80 -19.86 0.62
CA ALA C 122 5.27 -18.98 -0.45
C ALA C 122 6.39 -18.05 -0.95
N LYS C 123 7.28 -17.61 -0.06
CA LYS C 123 8.45 -16.72 -0.38
C LYS C 123 9.67 -17.56 -0.80
N SER C 124 9.51 -18.88 -0.99
CA SER C 124 10.59 -19.85 -1.32
C SER C 124 11.71 -19.75 -0.27
N ILE C 125 11.35 -19.85 1.01
CA ILE C 125 12.29 -19.89 2.17
C ILE C 125 12.03 -21.21 2.91
N ILE C 126 13.02 -22.10 2.91
CA ILE C 126 13.06 -23.33 3.76
C ILE C 126 13.74 -22.93 5.08
N HIS C 127 13.07 -23.18 6.20
CA HIS C 127 13.56 -22.83 7.57
C HIS C 127 14.84 -23.63 7.86
N ARG C 128 14.78 -24.97 7.70
CA ARG C 128 15.88 -25.97 7.84
C ARG C 128 16.10 -26.37 9.29
N ASP C 129 15.46 -25.69 10.27
CA ASP C 129 15.63 -25.99 11.72
C ASP C 129 14.38 -25.54 12.49
N LEU C 130 13.18 -25.88 12.01
CA LEU C 130 11.93 -25.64 12.78
C LEU C 130 11.91 -26.63 13.96
N LYS C 131 11.46 -26.16 15.13
CA LYS C 131 11.33 -26.94 16.39
C LYS C 131 10.76 -26.03 17.48
N SER C 132 10.21 -26.60 18.55
CA SER C 132 9.52 -25.87 19.64
C SER C 132 10.46 -24.81 20.25
N ASN C 133 11.77 -25.03 20.22
CA ASN C 133 12.81 -24.05 20.66
C ASN C 133 12.69 -22.75 19.85
N ASN C 134 12.40 -22.86 18.56
CA ASN C 134 12.40 -21.75 17.56
C ASN C 134 10.98 -21.24 17.33
N ILE C 135 10.00 -21.63 18.16
CA ILE C 135 8.63 -21.04 18.19
C ILE C 135 8.49 -20.28 19.51
N PHE C 136 8.43 -18.94 19.45
CA PHE C 136 8.29 -18.05 20.63
C PHE C 136 6.82 -17.66 20.80
N LEU C 137 6.34 -17.64 22.04
CA LEU C 137 4.94 -17.27 22.39
C LEU C 137 4.94 -15.86 23.01
N HIS C 138 4.67 -14.85 22.18
CA HIS C 138 4.69 -13.40 22.52
C HIS C 138 3.50 -13.08 23.41
N GLU C 139 3.76 -12.74 24.67
CA GLU C 139 2.75 -12.53 25.76
C GLU C 139 2.06 -13.87 26.05
N ASP C 140 2.73 -15.00 25.77
CA ASP C 140 2.24 -16.39 25.93
C ASP C 140 0.96 -16.64 25.12
N LEU C 141 0.83 -15.97 23.97
CA LEU C 141 -0.37 -15.97 23.09
C LEU C 141 0.04 -16.22 21.64
N THR C 142 0.79 -15.28 21.05
CA THR C 142 1.05 -15.13 19.59
C THR C 142 2.37 -15.82 19.21
N VAL C 143 2.31 -16.76 18.27
CA VAL C 143 3.48 -17.54 17.75
C VAL C 143 4.35 -16.61 16.91
N LYS C 144 5.66 -16.64 17.15
CA LYS C 144 6.71 -15.91 16.36
C LYS C 144 7.83 -16.90 16.01
N ILE C 145 7.95 -17.27 14.73
CA ILE C 145 8.96 -18.25 14.23
C ILE C 145 10.26 -17.48 13.94
N GLY C 146 11.39 -18.00 14.43
CA GLY C 146 12.75 -17.49 14.13
C GLY C 146 13.79 -18.60 14.18
N ASP C 147 15.06 -18.23 14.23
CA ASP C 147 16.21 -19.14 14.51
C ASP C 147 16.98 -18.50 15.67
N PHE C 148 16.67 -18.94 16.89
CA PHE C 148 17.19 -18.37 18.15
C PHE C 148 18.49 -19.08 18.57
N GLY C 149 18.87 -20.16 17.88
CA GLY C 149 20.11 -20.92 18.10
C GLY C 149 21.35 -20.13 17.73
N LEU C 150 22.47 -20.38 18.42
CA LEU C 150 23.76 -19.66 18.27
C LEU C 150 24.94 -20.64 18.08
N ALA C 151 24.68 -21.94 17.91
CA ALA C 151 25.69 -23.03 17.90
C ALA C 151 26.03 -23.42 16.46
N THR C 152 25.02 -23.58 15.61
CA THR C 152 25.14 -24.17 14.24
C THR C 152 24.45 -23.25 13.22
N VAL C 153 24.77 -23.45 11.92
CA VAL C 153 24.25 -22.64 10.77
C VAL C 153 23.61 -23.57 9.73
N LYS C 154 22.51 -23.11 9.11
CA LYS C 154 21.75 -23.81 8.05
C LYS C 154 21.84 -23.02 6.73
N SER C 155 21.60 -23.71 5.60
CA SER C 155 21.76 -23.21 4.21
C SER C 155 23.24 -22.90 3.92
N ARG C 156 24.16 -23.74 4.43
CA ARG C 156 25.63 -23.63 4.31
C ARG C 156 26.12 -22.35 5.01
N PHE C 163 32.92 -33.45 5.13
CA PHE C 163 31.98 -34.07 6.10
C PHE C 163 32.27 -33.56 7.53
N GLU C 164 31.27 -32.95 8.16
CA GLU C 164 31.11 -32.88 9.64
C GLU C 164 29.76 -33.50 10.00
N GLN C 165 29.68 -34.19 11.14
CA GLN C 165 28.47 -34.95 11.57
C GLN C 165 27.38 -33.96 12.01
N LEU C 166 26.20 -34.48 12.34
CA LEU C 166 25.00 -33.68 12.71
C LEU C 166 25.23 -33.04 14.09
N SER C 167 25.39 -31.72 14.12
CA SER C 167 25.77 -30.92 15.33
C SER C 167 24.51 -30.49 16.10
N GLY C 168 23.41 -30.19 15.40
CA GLY C 168 22.18 -29.60 15.98
C GLY C 168 21.31 -30.63 16.67
N SER C 169 20.02 -30.31 16.85
CA SER C 169 19.01 -31.16 17.52
C SER C 169 18.23 -31.98 16.48
N ILE C 170 18.10 -33.29 16.73
CA ILE C 170 17.85 -34.34 15.71
C ILE C 170 16.42 -34.87 15.79
N LEU C 171 15.64 -34.52 16.82
CA LEU C 171 14.26 -35.06 17.02
C LEU C 171 13.34 -34.55 15.91
N TRP C 172 13.62 -33.35 15.40
CA TRP C 172 12.81 -32.64 14.38
C TRP C 172 13.29 -32.93 12.95
N MET C 173 14.45 -33.59 12.80
CA MET C 173 15.06 -33.93 11.48
C MET C 173 14.33 -35.12 10.87
N ALA C 174 13.87 -34.96 9.62
CA ALA C 174 13.19 -36.00 8.81
C ALA C 174 14.20 -37.08 8.44
N PRO C 175 13.75 -38.33 8.17
CA PRO C 175 14.65 -39.41 7.80
C PRO C 175 15.62 -39.11 6.65
N GLU C 176 15.14 -38.48 5.58
CA GLU C 176 15.96 -38.18 4.36
C GLU C 176 17.04 -37.15 4.71
N VAL C 177 16.78 -36.26 5.68
CA VAL C 177 17.75 -35.23 6.15
C VAL C 177 18.87 -35.93 6.94
N ILE C 178 18.53 -36.99 7.68
CA ILE C 178 19.50 -37.80 8.49
C ILE C 178 20.39 -38.62 7.55
N ARG C 179 19.78 -39.34 6.60
CA ARG C 179 20.49 -40.18 5.60
C ARG C 179 21.43 -39.32 4.75
N MET C 180 20.95 -38.14 4.32
CA MET C 180 21.65 -37.15 3.47
C MET C 180 22.33 -37.83 2.28
N GLN C 181 21.59 -38.65 1.54
CA GLN C 181 22.08 -39.38 0.33
C GLN C 181 22.22 -38.38 -0.83
N ASP C 182 21.23 -37.48 -1.01
CA ASP C 182 21.32 -36.30 -1.92
C ASP C 182 22.18 -35.23 -1.24
N LYS C 183 22.80 -34.34 -2.04
CA LYS C 183 23.82 -33.35 -1.59
C LYS C 183 23.18 -32.33 -0.62
N ASN C 184 21.94 -31.91 -0.90
CA ASN C 184 21.12 -31.02 -0.04
C ASN C 184 19.75 -31.66 0.17
N PRO C 185 19.49 -32.31 1.34
CA PRO C 185 18.25 -33.04 1.59
C PRO C 185 17.09 -32.21 2.17
N TYR C 186 17.35 -30.94 2.50
CA TYR C 186 16.36 -29.97 3.04
C TYR C 186 15.40 -29.56 1.92
N SER C 187 14.11 -29.51 2.25
CA SER C 187 12.97 -29.25 1.32
C SER C 187 11.81 -28.65 2.13
N PHE C 188 10.71 -28.29 1.46
CA PHE C 188 9.45 -27.89 2.13
C PHE C 188 8.92 -29.06 2.95
N GLN C 189 9.05 -30.28 2.41
CA GLN C 189 8.57 -31.53 3.08
C GLN C 189 9.43 -31.84 4.32
N SER C 190 10.71 -31.47 4.32
CA SER C 190 11.60 -31.61 5.50
C SER C 190 11.09 -30.72 6.64
N ASP C 191 10.63 -29.51 6.32
CA ASP C 191 10.01 -28.55 7.28
C ASP C 191 8.65 -29.08 7.74
N VAL C 192 7.89 -29.76 6.88
CA VAL C 192 6.57 -30.36 7.25
C VAL C 192 6.80 -31.45 8.31
N TYR C 193 7.80 -32.32 8.14
CA TYR C 193 8.15 -33.37 9.12
C TYR C 193 8.43 -32.70 10.47
N ALA C 194 9.27 -31.67 10.48
CA ALA C 194 9.65 -30.90 11.68
C ALA C 194 8.38 -30.37 12.36
N PHE C 195 7.46 -29.80 11.57
CA PHE C 195 6.13 -29.31 12.04
C PHE C 195 5.35 -30.49 12.63
N GLY C 196 5.40 -31.64 11.99
CA GLY C 196 4.80 -32.91 12.48
C GLY C 196 5.24 -33.22 13.90
N ILE C 197 6.51 -33.03 14.21
CA ILE C 197 7.07 -33.28 15.58
C ILE C 197 6.54 -32.20 16.52
N VAL C 198 6.45 -30.94 16.07
CA VAL C 198 5.89 -29.82 16.90
C VAL C 198 4.43 -30.14 17.24
N LEU C 199 3.64 -30.65 16.29
CA LEU C 199 2.24 -31.11 16.54
C LEU C 199 2.24 -32.19 17.61
N TYR C 200 3.17 -33.15 17.53
CA TYR C 200 3.34 -34.23 18.52
C TYR C 200 3.59 -33.63 19.91
N GLU C 201 4.51 -32.67 20.01
CA GLU C 201 4.84 -31.98 21.29
C GLU C 201 3.59 -31.33 21.88
N LEU C 202 2.81 -30.62 21.06
CA LEU C 202 1.59 -29.89 21.48
C LEU C 202 0.58 -30.87 22.07
N MET C 203 0.31 -31.97 21.37
CA MET C 203 -0.80 -32.91 21.69
C MET C 203 -0.38 -33.89 22.79
N THR C 204 0.91 -34.22 22.93
CA THR C 204 1.43 -35.14 24.00
C THR C 204 1.96 -34.35 25.20
N GLY C 205 2.44 -33.12 24.99
CA GLY C 205 3.15 -32.33 26.01
C GLY C 205 4.55 -32.87 26.27
N GLN C 206 5.08 -33.72 25.38
CA GLN C 206 6.35 -34.47 25.56
C GLN C 206 7.14 -34.50 24.24
N LEU C 207 8.47 -34.57 24.34
CA LEU C 207 9.38 -34.83 23.19
C LEU C 207 9.23 -36.28 22.78
N PRO C 208 9.42 -36.63 21.49
CA PRO C 208 9.32 -38.02 21.06
C PRO C 208 10.52 -38.86 21.53
N TYR C 209 10.35 -40.19 21.54
CA TYR C 209 11.42 -41.20 21.79
C TYR C 209 11.98 -41.02 23.22
N SER C 210 11.10 -40.85 24.20
CA SER C 210 11.45 -40.70 25.65
C SER C 210 11.97 -42.03 26.22
N ASN C 211 11.49 -43.17 25.70
CA ASN C 211 11.92 -44.54 26.09
C ASN C 211 13.41 -44.78 25.75
N ILE C 212 13.94 -44.10 24.72
CA ILE C 212 15.36 -44.25 24.26
C ILE C 212 16.22 -43.13 24.84
N ASN C 213 17.43 -43.48 25.29
CA ASN C 213 18.36 -42.58 26.05
C ASN C 213 19.70 -42.39 25.31
N ASN C 214 19.78 -42.77 24.02
CA ASN C 214 21.01 -42.72 23.18
C ASN C 214 20.68 -41.93 21.91
N ARG C 215 21.24 -40.73 21.77
CA ARG C 215 21.03 -39.80 20.63
C ARG C 215 21.42 -40.49 19.32
N ASP C 216 22.58 -41.14 19.30
CA ASP C 216 23.17 -41.85 18.13
C ASP C 216 22.19 -42.90 17.60
N GLN C 217 21.53 -43.66 18.50
CA GLN C 217 20.57 -44.73 18.14
C GLN C 217 19.31 -44.12 17.52
N ILE C 218 18.83 -43.00 18.06
CA ILE C 218 17.63 -42.27 17.53
C ILE C 218 17.94 -41.82 16.09
N ILE C 219 19.12 -41.20 15.89
CA ILE C 219 19.61 -40.74 14.55
C ILE C 219 19.53 -41.92 13.57
N PHE C 220 20.16 -43.05 13.92
CA PHE C 220 20.24 -44.25 13.05
C PHE C 220 18.84 -44.78 12.73
N MET C 221 18.04 -45.03 13.77
CA MET C 221 16.74 -45.74 13.68
C MET C 221 15.70 -44.90 12.94
N VAL C 222 15.65 -43.58 13.18
CA VAL C 222 14.76 -42.65 12.44
C VAL C 222 15.20 -42.60 10.98
N GLY C 223 16.51 -42.61 10.74
CA GLY C 223 17.15 -42.66 9.40
C GLY C 223 16.70 -43.86 8.60
N ARG C 224 16.78 -45.06 9.17
CA ARG C 224 16.42 -46.34 8.49
C ARG C 224 14.93 -46.67 8.67
N GLY C 225 14.15 -45.77 9.29
CA GLY C 225 12.68 -45.82 9.33
C GLY C 225 12.14 -46.87 10.29
N TYR C 226 12.92 -47.26 11.31
CA TYR C 226 12.52 -48.22 12.37
C TYR C 226 11.76 -47.49 13.48
N LEU C 227 11.94 -46.17 13.59
CA LEU C 227 11.31 -45.32 14.63
C LEU C 227 10.32 -44.36 13.98
N SER C 228 9.11 -44.24 14.55
CA SER C 228 8.21 -43.08 14.38
C SER C 228 7.53 -42.78 15.72
N PRO C 229 7.16 -41.52 16.00
CA PRO C 229 6.56 -41.17 17.29
C PRO C 229 5.27 -41.94 17.60
N ASP C 230 5.02 -42.22 18.89
CA ASP C 230 3.88 -43.02 19.39
C ASP C 230 2.66 -42.13 19.57
N LEU C 231 1.75 -42.11 18.59
CA LEU C 231 0.59 -41.18 18.52
C LEU C 231 -0.49 -41.54 19.55
N SER C 232 -0.40 -42.70 20.21
CA SER C 232 -1.31 -43.11 21.31
C SER C 232 -1.10 -42.26 22.56
N LYS C 233 0.07 -41.60 22.69
CA LYS C 233 0.44 -40.77 23.87
C LYS C 233 -0.29 -39.41 23.86
N VAL C 234 -1.00 -39.06 22.78
CA VAL C 234 -1.77 -37.79 22.68
C VAL C 234 -2.87 -37.77 23.75
N ARG C 235 -3.37 -36.58 24.08
CA ARG C 235 -4.51 -36.37 25.03
C ARG C 235 -5.80 -36.98 24.45
N SER C 236 -6.72 -37.41 25.32
CA SER C 236 -7.97 -38.11 24.95
C SER C 236 -8.93 -37.17 24.19
N ASN C 237 -8.91 -35.87 24.50
CA ASN C 237 -9.79 -34.84 23.87
C ASN C 237 -9.08 -34.16 22.69
N CYS C 238 -7.91 -34.65 22.27
CA CYS C 238 -7.28 -34.35 20.95
C CYS C 238 -8.19 -34.90 19.85
N PRO C 239 -8.62 -34.09 18.84
CA PRO C 239 -9.43 -34.61 17.74
C PRO C 239 -8.72 -35.71 16.92
N LYS C 240 -9.49 -36.68 16.41
CA LYS C 240 -8.96 -37.76 15.52
C LYS C 240 -8.42 -37.13 14.23
N ALA C 241 -9.03 -36.04 13.76
CA ALA C 241 -8.61 -35.28 12.55
C ALA C 241 -7.19 -34.73 12.73
N MET C 242 -6.83 -34.30 13.95
CA MET C 242 -5.47 -33.79 14.30
C MET C 242 -4.49 -34.95 14.28
N LYS C 243 -4.84 -36.07 14.93
CA LYS C 243 -4.02 -37.31 14.99
C LYS C 243 -3.75 -37.83 13.58
N ARG C 244 -4.73 -37.74 12.67
CA ARG C 244 -4.61 -38.16 11.25
C ARG C 244 -3.64 -37.22 10.52
N LEU C 245 -3.80 -35.90 10.70
CA LEU C 245 -2.92 -34.85 10.11
C LEU C 245 -1.49 -35.03 10.60
N MET C 246 -1.31 -35.29 11.89
CA MET C 246 -0.01 -35.53 12.56
C MET C 246 0.75 -36.66 11.85
N ALA C 247 0.08 -37.78 11.59
CA ALA C 247 0.62 -38.99 10.94
C ALA C 247 1.04 -38.67 9.50
N GLU C 248 0.21 -37.93 8.76
CA GLU C 248 0.48 -37.49 7.36
C GLU C 248 1.75 -36.62 7.31
N CYS C 249 1.92 -35.73 8.29
CA CYS C 249 3.10 -34.83 8.40
C CYS C 249 4.37 -35.63 8.72
N LEU C 250 4.25 -36.75 9.44
CA LEU C 250 5.40 -37.56 9.92
C LEU C 250 5.65 -38.79 9.04
N LYS C 251 5.07 -38.85 7.84
CA LYS C 251 5.24 -40.01 6.91
C LYS C 251 6.71 -40.07 6.47
N LYS C 252 7.33 -41.26 6.57
CA LYS C 252 8.78 -41.49 6.35
C LYS C 252 9.14 -41.16 4.89
N LYS C 253 8.28 -41.54 3.94
CA LYS C 253 8.46 -41.22 2.49
C LYS C 253 8.14 -39.73 2.30
N ARG C 254 9.00 -39.05 1.55
CA ARG C 254 9.05 -37.57 1.38
C ARG C 254 7.78 -37.08 0.69
N ASP C 255 7.46 -37.62 -0.50
CA ASP C 255 6.41 -37.10 -1.41
C ASP C 255 5.00 -37.37 -0.84
N GLU C 256 4.86 -38.37 0.06
CA GLU C 256 3.55 -38.72 0.69
C GLU C 256 3.12 -37.64 1.71
N ARG C 257 4.04 -36.76 2.14
CA ARG C 257 3.76 -35.65 3.10
C ARG C 257 3.03 -34.51 2.38
N PRO C 258 2.01 -33.87 3.00
CA PRO C 258 1.36 -32.70 2.42
C PRO C 258 2.21 -31.42 2.54
N LEU C 259 1.76 -30.33 1.92
CA LEU C 259 2.38 -28.98 2.01
C LEU C 259 1.44 -28.07 2.80
N PHE C 260 1.95 -26.93 3.29
CA PHE C 260 1.30 -26.11 4.37
C PHE C 260 -0.04 -25.53 3.93
N PRO C 261 -0.24 -25.11 2.65
CA PRO C 261 -1.58 -24.72 2.19
C PRO C 261 -2.68 -25.72 2.58
N GLN C 262 -2.45 -27.02 2.34
CA GLN C 262 -3.38 -28.12 2.68
C GLN C 262 -3.38 -28.35 4.20
N ILE C 263 -2.22 -28.28 4.86
CA ILE C 263 -2.07 -28.52 6.33
C ILE C 263 -2.92 -27.46 7.06
N LEU C 264 -2.68 -26.19 6.75
CA LEU C 264 -3.38 -25.02 7.34
C LEU C 264 -4.89 -25.14 7.12
N ALA C 265 -5.32 -25.58 5.93
CA ALA C 265 -6.72 -25.82 5.56
C ALA C 265 -7.33 -26.88 6.49
N SER C 266 -6.64 -28.01 6.66
CA SER C 266 -7.06 -29.15 7.51
C SER C 266 -7.27 -28.70 8.96
N ILE C 267 -6.42 -27.81 9.47
CA ILE C 267 -6.45 -27.33 10.89
C ILE C 267 -7.65 -26.39 11.08
N GLU C 268 -7.88 -25.47 10.13
CA GLU C 268 -9.02 -24.51 10.19
C GLU C 268 -10.36 -25.24 10.11
N LEU C 269 -10.40 -26.42 9.47
CA LEU C 269 -11.61 -27.29 9.38
C LEU C 269 -11.92 -27.91 10.75
N LEU C 270 -10.94 -28.60 11.35
CA LEU C 270 -11.11 -29.34 12.64
C LEU C 270 -11.20 -28.35 13.81
N ALA C 271 -10.79 -27.09 13.62
CA ALA C 271 -10.94 -25.98 14.61
C ALA C 271 -12.43 -25.71 14.86
N ARG C 272 -13.23 -25.62 13.79
CA ARG C 272 -14.67 -25.26 13.82
C ARG C 272 -15.44 -26.32 14.64
N SER C 273 -15.15 -27.60 14.44
CA SER C 273 -15.82 -28.75 15.12
C SER C 273 -15.18 -29.00 16.50
N LEU C 274 -15.68 -28.33 17.55
CA LEU C 274 -15.15 -28.44 18.94
C LEU C 274 -16.31 -28.33 19.93
C1 WJ9 D . -11.77 1.36 8.61
C2 WJ9 D . -10.47 0.61 8.99
C4 WJ9 D . -10.16 0.69 10.51
C7 WJ9 D . -8.17 0.39 8.06
C8 WJ9 D . -7.19 0.69 7.09
C11 WJ9 D . -6.84 -1.35 8.95
N13 WJ9 D . -6.80 -2.32 9.96
C15 WJ9 D . -5.58 -3.75 11.54
C17 WJ9 D . -8.00 -3.73 11.54
C18 WJ9 D . -7.98 -3.18 10.10
C19 WJ9 D . -4.95 0.23 6.10
C21 WJ9 D . -3.19 1.71 5.31
C23 WJ9 D . -3.71 -0.32 4.12
C24 WJ9 D . -4.72 -0.64 5.03
C27 WJ9 D . -1.63 3.20 6.47
O28 WJ9 D . -1.73 2.60 7.52
C30 WJ9 D . -0.48 5.08 5.26
C31 WJ9 D . 0.61 6.11 5.63
C32 WJ9 D . 1.25 5.48 6.90
C34 WJ9 D . 0.06 4.72 7.56
C35 WJ9 D . 1.78 6.63 7.76
C36 WJ9 D . 2.62 6.13 8.94
O5 WJ9 D . -10.27 -0.58 11.16
N6 WJ9 D . -9.36 1.10 8.15
C9 WJ9 D . -6.01 -0.05 7.09
C10 WJ9 D . -5.82 -1.09 8.03
N12 WJ9 D . -7.94 -0.61 8.93
C14 WJ9 D . -5.55 -3.07 10.17
O16 WJ9 D . -6.80 -4.49 11.75
C20 WJ9 D . -4.19 1.40 6.24
C22 WJ9 D . -2.96 0.84 4.27
C25 WJ9 D . -5.49 -1.91 4.81
N26 WJ9 D . -2.34 2.83 5.36
N29 WJ9 D . -0.78 4.26 6.43
F37 WJ9 D . 2.84 7.25 9.76
F38 WJ9 D . 3.84 5.64 8.51
F39 WJ9 D . 1.93 5.13 9.64
CL CL E . -23.17 14.28 16.88
CL CL F . -10.20 21.55 27.49
CL CL G . 10.89 -4.55 3.67
C1 WJ9 H . -19.06 9.66 -35.57
C2 WJ9 H . -19.24 10.89 -34.69
C4 WJ9 H . -18.30 12.05 -35.10
C7 WJ9 H . -19.49 11.28 -32.25
C8 WJ9 H . -19.49 10.76 -30.97
C11 WJ9 H . -20.43 13.30 -31.54
N13 WJ9 H . -20.85 14.58 -31.92
C15 WJ9 H . -21.36 16.92 -31.44
C17 WJ9 H . -21.78 16.07 -33.62
C18 WJ9 H . -21.72 14.63 -33.10
C19 WJ9 H . -20.01 11.04 -28.56
C21 WJ9 H . -18.80 10.42 -26.59
C23 WJ9 H . -21.19 10.18 -26.67
C24 WJ9 H . -21.21 10.68 -27.95
C27 WJ9 H . -16.67 11.18 -25.69
O28 WJ9 H . -16.73 12.22 -26.32
C30 WJ9 H . -15.42 9.76 -24.01
C31 WJ9 H . -14.13 9.93 -23.19
C32 WJ9 H . -13.98 11.47 -23.16
C34 WJ9 H . -14.47 11.85 -24.59
C35 WJ9 H . -12.50 11.80 -22.94
C36 WJ9 H . -12.28 13.29 -22.69
O5 WJ9 H . -18.94 12.97 -35.96
N6 WJ9 H . -18.99 10.51 -33.29
C9 WJ9 H . -19.98 11.55 -29.93
C10 WJ9 H . -20.46 12.83 -30.21
N12 WJ9 H . -19.93 12.52 -32.48
C14 WJ9 H . -21.27 15.51 -30.86
O16 WJ9 H . -22.24 16.90 -32.56
C20 WJ9 H . -18.80 10.91 -27.89
C22 WJ9 H . -20.00 10.06 -25.99
C25 WJ9 H . -22.54 10.80 -28.67
N26 WJ9 H . -17.65 10.24 -25.80
N29 WJ9 H . -15.60 10.94 -24.86
F37 WJ9 H . -12.47 14.04 -23.86
F38 WJ9 H . -13.17 13.76 -21.71
F39 WJ9 H . -10.96 13.45 -22.27
CL CL I . -9.87 32.14 -41.45
CL CL J . 7.22 14.89 -41.47
C1 WJ9 K . 18.86 -17.20 23.08
C2 WJ9 K . 17.86 -16.18 22.50
C4 WJ9 K . 16.40 -16.70 22.62
C7 WJ9 K . 17.51 -14.96 20.31
C8 WJ9 K . 17.94 -14.66 19.01
C11 WJ9 K . 15.66 -13.55 20.08
N13 WJ9 K . 14.53 -13.05 20.73
C15 WJ9 K . 12.27 -12.07 20.73
C17 WJ9 K . 13.47 -12.29 22.80
C18 WJ9 K . 14.80 -12.44 22.06
C19 WJ9 K . 17.60 -13.43 16.84
C21 WJ9 K . 17.75 -13.93 14.47
C23 WJ9 K . 18.66 -11.87 15.33
C24 WJ9 K . 18.26 -12.22 16.61
C27 WJ9 K . 16.40 -15.29 12.91
O28 WJ9 K . 15.39 -15.19 13.59
C30 WJ9 K . 17.42 -16.24 10.80
C31 WJ9 K . 16.92 -17.22 9.74
C32 WJ9 K . 15.41 -16.89 9.72
C34 WJ9 K . 15.13 -16.66 11.23
C35 WJ9 K . 14.65 -18.10 9.17
C36 WJ9 K . 13.17 -17.78 8.96
O5 WJ9 K . 15.55 -15.77 23.31
N6 WJ9 K . 18.24 -15.85 21.11
C9 WJ9 K . 17.19 -13.79 18.22
C10 WJ9 K . 16.03 -13.21 18.78
N12 WJ9 K . 16.42 -14.39 20.78
C14 WJ9 K . 13.56 -12.29 19.92
O16 WJ9 K . 12.57 -11.51 22.00
C20 WJ9 K . 17.35 -14.30 15.75
C22 WJ9 K . 18.41 -12.72 14.27
C25 WJ9 K . 18.57 -11.23 17.74
N26 WJ9 K . 17.57 -14.71 13.31
N29 WJ9 K . 16.33 -16.00 11.77
F37 WJ9 K . 12.54 -17.44 10.16
F38 WJ9 K . 13.08 -16.70 8.06
F39 WJ9 K . 12.57 -18.92 8.41
CL CL L . 5.10 -43.69 7.94
CL CL M . 7.56 -41.74 20.84
#